data_9ERZ
#
_entry.id   9ERZ
#
_cell.length_a   59.783
_cell.length_b   87.324
_cell.length_c   84.353
_cell.angle_alpha   90.00
_cell.angle_beta   99.39
_cell.angle_gamma   90.00
#
_symmetry.space_group_name_H-M   'P 1 21 1'
#
loop_
_entity.id
_entity.type
_entity.pdbx_description
1 polymer 'E3 ubiquitin-protein ligase CBL'
2 polymer 'Polyubiquitin-C,Ub-fused CBLock peptide'
3 non-polymer 'CALCIUM ION'
4 water water
#
loop_
_entity_poly.entity_id
_entity_poly.type
_entity_poly.pdbx_seq_one_letter_code
_entity_poly.pdbx_strand_id
1 'polypeptide(L)'
;GSPPGTVDKKMVEKCWKLMDKVVRLCQNPKLALKNSPPYILDLLPDTYQHLRTILSRYEGKMETLGENEYFRVFMENLMK
KTKQTISLFKEGKERMYEENSQPRRNLTKLSLIFSHMLAELKGIFPSGLFQGDTFRITKADAAEFWRKAFGEKTIVPWKS
FRQALHEVHPISSGLEAMALKSTIDLTCNDYISVFEFDIFTRLFQPWSSLLRNWNSLAVTHPGYMAFLTYDEVKARLQKF
IHKPGSYIFRLSCTRLGQWAIGYVTADGNILQTIPHNKPLFQALIDGFREGFYLFPDGRNQNPDLTGLCEP
;
A,C
2 'polypeptide(L)'
;GSGGSMQIFVKTLTGKTITLEVEPSDTIENVKAKIQDKEGIPPDQQRLIFAGKQLEDGRTLSDYNIQKESTLHLVLRLRA
APGGSMTVEEMDSWIKSWDQMHHHHHH
;
B,D
#
# COMPACT_ATOMS: atom_id res chain seq x y z
N PRO A 4 23.64 30.06 8.06
CA PRO A 4 22.48 30.82 8.54
C PRO A 4 22.87 32.22 9.01
N GLY A 5 22.30 33.24 8.36
CA GLY A 5 22.70 34.61 8.61
C GLY A 5 21.87 35.31 9.66
N THR A 6 22.43 36.38 10.21
CA THR A 6 21.76 37.13 11.26
C THR A 6 20.46 37.74 10.76
N VAL A 7 19.44 37.67 11.60
CA VAL A 7 18.11 38.19 11.28
C VAL A 7 17.92 39.57 11.90
N ASP A 8 17.31 40.48 11.14
CA ASP A 8 16.93 41.80 11.66
C ASP A 8 15.54 42.15 11.15
N LYS A 9 15.09 43.36 11.48
CA LYS A 9 13.74 43.77 11.10
C LYS A 9 13.56 43.79 9.58
N LYS A 10 14.61 44.21 8.86
CA LYS A 10 14.54 44.24 7.40
C LYS A 10 14.25 42.86 6.83
N MET A 11 14.92 41.83 7.35
CA MET A 11 14.68 40.48 6.85
C MET A 11 13.25 40.03 7.14
N VAL A 12 12.75 40.34 8.33
CA VAL A 12 11.39 39.95 8.68
C VAL A 12 10.39 40.66 7.77
N GLU A 13 10.63 41.95 7.50
CA GLU A 13 9.75 42.68 6.60
C GLU A 13 9.83 42.12 5.18
N LYS A 14 11.02 41.68 4.77
CA LYS A 14 11.15 41.04 3.47
C LYS A 14 10.31 39.77 3.40
N CYS A 15 10.50 38.86 4.36
CA CYS A 15 9.71 37.64 4.39
C CYS A 15 8.22 37.93 4.40
N TRP A 16 7.81 38.99 5.10
CA TRP A 16 6.39 39.35 5.16
C TRP A 16 5.85 39.72 3.78
N LYS A 17 6.62 40.47 2.98
CA LYS A 17 6.13 40.82 1.64
C LYS A 17 6.12 39.60 0.72
N LEU A 18 7.08 38.70 0.86
CA LEU A 18 7.06 37.47 0.07
C LEU A 18 5.86 36.60 0.44
N MET A 19 5.51 36.54 1.73
CA MET A 19 4.35 35.78 2.15
C MET A 19 3.06 36.37 1.58
N ASP A 20 2.96 37.70 1.51
CA ASP A 20 1.76 38.31 0.97
C ASP A 20 1.58 37.98 -0.51
N LYS A 21 2.67 37.98 -1.28
CA LYS A 21 2.57 37.62 -2.69
C LYS A 21 2.12 36.18 -2.86
N VAL A 22 2.62 35.26 -2.03
CA VAL A 22 2.14 33.88 -2.07
C VAL A 22 0.65 33.83 -1.76
N VAL A 23 0.20 34.65 -0.81
CA VAL A 23 -1.22 34.72 -0.48
C VAL A 23 -2.03 35.16 -1.68
N ARG A 24 -1.61 36.25 -2.33
CA ARG A 24 -2.33 36.76 -3.48
C ARG A 24 -2.34 35.74 -4.63
N LEU A 25 -1.23 35.03 -4.82
CA LEU A 25 -1.19 33.97 -5.82
C LEU A 25 -2.21 32.88 -5.50
N CYS A 26 -2.32 32.50 -4.22
CA CYS A 26 -3.25 31.46 -3.81
C CYS A 26 -4.70 31.94 -3.75
N GLN A 27 -4.94 33.23 -3.92
CA GLN A 27 -6.29 33.75 -3.96
C GLN A 27 -6.90 33.71 -5.36
N ASN A 28 -6.12 33.30 -6.35
CA ASN A 28 -6.63 33.15 -7.70
C ASN A 28 -7.82 32.21 -7.69
N PRO A 29 -9.01 32.67 -8.09
CA PRO A 29 -10.18 31.77 -8.08
C PRO A 29 -10.00 30.54 -8.94
N LYS A 30 -9.16 30.60 -9.98
CA LYS A 30 -8.88 29.42 -10.80
C LYS A 30 -8.23 28.29 -10.02
N LEU A 31 -7.84 28.54 -8.77
CA LEU A 31 -7.24 27.50 -7.94
C LEU A 31 -8.29 26.63 -7.27
N ALA A 32 -9.41 27.23 -6.85
CA ALA A 32 -10.44 26.53 -6.09
C ALA A 32 -9.86 25.81 -4.88
N LEU A 33 -9.10 26.56 -4.08
CA LEU A 33 -8.42 25.99 -2.93
C LEU A 33 -9.42 25.50 -1.89
N LYS A 34 -9.27 24.24 -1.49
CA LYS A 34 -10.20 23.63 -0.55
C LYS A 34 -10.05 24.26 0.83
N ASN A 35 -11.17 24.47 1.51
CA ASN A 35 -11.18 25.05 2.86
C ASN A 35 -11.04 23.94 3.89
N SER A 36 -9.83 23.38 3.95
CA SER A 36 -9.51 22.31 4.87
C SER A 36 -8.01 22.37 5.15
N PRO A 37 -7.55 21.81 6.27
CA PRO A 37 -6.12 21.92 6.54
C PRO A 37 -5.35 20.98 5.63
N PRO A 38 -4.14 21.35 5.23
CA PRO A 38 -3.51 22.63 5.55
C PRO A 38 -4.01 23.72 4.62
N TYR A 39 -4.34 24.88 5.16
CA TYR A 39 -4.98 25.96 4.41
C TYR A 39 -4.02 27.13 4.36
N ILE A 40 -3.34 27.29 3.23
CA ILE A 40 -2.27 28.28 3.14
C ILE A 40 -2.80 29.70 3.36
N LEU A 41 -4.06 29.96 3.00
CA LEU A 41 -4.61 31.29 3.18
C LEU A 41 -4.79 31.67 4.65
N ASP A 42 -4.79 30.70 5.58
CA ASP A 42 -4.75 30.98 7.02
C ASP A 42 -3.35 30.84 7.61
N LEU A 43 -2.58 29.87 7.12
CA LEU A 43 -1.27 29.58 7.71
C LEU A 43 -0.32 30.77 7.59
N LEU A 44 -0.23 31.36 6.41
CA LEU A 44 0.69 32.48 6.21
C LEU A 44 0.28 33.69 7.05
N PRO A 45 -0.97 34.13 7.09
CA PRO A 45 -1.33 35.19 8.05
C PRO A 45 -1.08 34.79 9.50
N ASP A 46 -1.23 33.52 9.85
CA ASP A 46 -0.95 33.11 11.23
C ASP A 46 0.55 33.10 11.50
N THR A 47 1.37 32.73 10.52
CA THR A 47 2.81 32.82 10.70
C THR A 47 3.23 34.28 10.89
N TYR A 48 2.69 35.18 10.06
CA TYR A 48 2.96 36.61 10.22
C TYR A 48 2.61 37.07 11.63
N GLN A 49 1.39 36.75 12.08
CA GLN A 49 0.95 37.23 13.40
C GLN A 49 1.81 36.65 14.52
N HIS A 50 2.33 35.43 14.33
CA HIS A 50 3.18 34.89 15.39
C HIS A 50 4.56 35.54 15.37
N LEU A 51 5.10 35.83 14.18
CA LEU A 51 6.36 36.56 14.09
C LEU A 51 6.19 37.98 14.66
N ARG A 52 5.06 38.63 14.38
CA ARG A 52 4.84 39.96 14.97
C ARG A 52 4.80 39.89 16.49
N THR A 53 4.31 38.76 17.03
CA THR A 53 4.27 38.59 18.48
C THR A 53 5.65 38.36 19.07
N ILE A 54 6.48 37.56 18.39
CA ILE A 54 7.85 37.33 18.87
C ILE A 54 8.61 38.65 18.94
N LEU A 55 8.55 39.44 17.86
CA LEU A 55 9.20 40.74 17.86
C LEU A 55 8.70 41.63 19.00
N SER A 56 7.40 41.62 19.25
CA SER A 56 6.84 42.39 20.37
C SER A 56 7.50 41.98 21.68
N ARG A 57 7.71 40.68 21.88
CA ARG A 57 8.35 40.21 23.10
C ARG A 57 9.81 40.64 23.19
N TYR A 58 10.49 40.82 22.06
CA TYR A 58 11.92 41.15 22.05
C TYR A 58 12.20 42.59 21.66
N GLU A 59 11.19 43.45 21.62
CA GLU A 59 11.43 44.88 21.44
C GLU A 59 12.41 45.35 22.50
N GLY A 60 13.54 45.91 22.06
CA GLY A 60 14.59 46.34 22.96
C GLY A 60 15.72 45.35 23.14
N LYS A 61 15.49 44.08 22.83
CA LYS A 61 16.54 43.08 22.83
C LYS A 61 16.62 42.43 21.45
N MET A 62 16.44 43.23 20.40
CA MET A 62 16.41 42.69 19.05
C MET A 62 17.73 42.07 18.65
N GLU A 63 18.83 42.54 19.23
CA GLU A 63 20.12 41.90 18.98
C GLU A 63 20.14 40.48 19.52
N THR A 64 19.44 40.23 20.64
CA THR A 64 19.41 38.90 21.23
C THR A 64 18.61 37.92 20.37
N LEU A 65 17.48 38.38 19.83
CA LEU A 65 16.65 37.50 19.03
C LEU A 65 17.33 37.12 17.71
N GLY A 66 18.08 38.05 17.12
CA GLY A 66 18.64 37.85 15.79
C GLY A 66 19.80 36.88 15.69
N GLU A 67 20.46 36.56 16.79
CA GLU A 67 21.57 35.62 16.75
C GLU A 67 21.19 34.20 17.14
N ASN A 68 19.98 33.99 17.66
CA ASN A 68 19.52 32.66 18.05
C ASN A 68 19.53 31.71 16.84
N GLU A 69 20.26 30.60 16.98
CA GLU A 69 20.48 29.70 15.85
C GLU A 69 19.17 29.18 15.29
N TYR A 70 18.26 28.70 16.15
CA TYR A 70 17.00 28.21 15.64
C TYR A 70 16.30 29.27 14.81
N PHE A 71 16.24 30.50 15.33
CA PHE A 71 15.51 31.56 14.65
C PHE A 71 16.16 31.92 13.31
N ARG A 72 17.48 31.93 13.25
CA ARG A 72 18.15 32.20 11.99
C ARG A 72 17.83 31.13 10.96
N VAL A 73 17.88 29.86 11.37
CA VAL A 73 17.56 28.77 10.45
C VAL A 73 16.12 28.87 9.99
N PHE A 74 15.21 29.19 10.91
CA PHE A 74 13.79 29.26 10.57
C PHE A 74 13.52 30.32 9.51
N MET A 75 13.95 31.56 9.77
CA MET A 75 13.68 32.65 8.83
C MET A 75 14.31 32.38 7.48
N GLU A 76 15.52 31.82 7.47
CA GLU A 76 16.14 31.40 6.23
C GLU A 76 15.25 30.41 5.48
N ASN A 77 14.69 29.43 6.19
CA ASN A 77 13.83 28.45 5.55
C ASN A 77 12.52 29.08 5.09
N LEU A 78 11.95 29.96 5.93
CA LEU A 78 10.71 30.64 5.55
C LEU A 78 10.88 31.42 4.26
N MET A 79 11.99 32.15 4.12
CA MET A 79 12.23 32.89 2.89
C MET A 79 12.34 31.96 1.69
N LYS A 80 13.08 30.86 1.84
CA LYS A 80 13.28 29.94 0.73
C LYS A 80 11.96 29.31 0.30
N LYS A 81 11.15 28.87 1.27
CA LYS A 81 9.92 28.17 0.93
C LYS A 81 8.91 29.09 0.25
N THR A 82 8.87 30.36 0.65
CA THR A 82 8.01 31.31 -0.05
C THR A 82 8.52 31.57 -1.46
N LYS A 83 9.83 31.71 -1.64
CA LYS A 83 10.38 31.87 -2.98
C LYS A 83 10.11 30.64 -3.84
N GLN A 84 10.21 29.45 -3.25
CA GLN A 84 9.82 28.23 -3.96
C GLN A 84 8.40 28.35 -4.48
N THR A 85 7.49 28.77 -3.62
CA THR A 85 6.06 28.79 -3.97
C THR A 85 5.78 29.78 -5.08
N ILE A 86 6.36 30.99 -4.97
CA ILE A 86 6.25 31.97 -6.04
C ILE A 86 6.77 31.39 -7.35
N SER A 87 7.97 30.81 -7.32
CA SER A 87 8.52 30.21 -8.54
C SER A 87 7.66 29.05 -9.04
N LEU A 88 7.03 28.30 -8.12
CA LEU A 88 6.14 27.22 -8.51
C LEU A 88 4.99 27.72 -9.37
N PHE A 89 4.39 28.84 -8.97
CA PHE A 89 3.33 29.43 -9.78
C PHE A 89 3.88 29.91 -11.12
N LYS A 90 5.07 30.53 -11.12
CA LYS A 90 5.64 31.06 -12.35
C LYS A 90 5.91 29.94 -13.35
N GLU A 91 6.59 28.88 -12.90
CA GLU A 91 6.91 27.77 -13.79
C GLU A 91 5.66 26.96 -14.16
N GLY A 92 4.63 26.99 -13.33
CA GLY A 92 3.51 26.08 -13.52
C GLY A 92 2.45 26.57 -14.48
N LYS A 93 2.22 27.89 -14.55
CA LYS A 93 1.32 28.53 -15.52
C LYS A 93 -0.05 27.85 -15.45
N GLU A 94 -0.69 27.54 -16.58
CA GLU A 94 -2.04 27.03 -16.58
C GLU A 94 -2.17 25.69 -15.88
N ARG A 95 -1.06 24.94 -15.73
CA ARG A 95 -1.13 23.65 -15.08
C ARG A 95 -1.32 23.74 -13.56
N MET A 96 -1.13 24.92 -12.97
CA MET A 96 -1.46 25.09 -11.56
C MET A 96 -2.93 24.83 -11.28
N TYR A 97 -3.78 24.83 -12.31
CA TYR A 97 -5.22 24.69 -12.15
C TYR A 97 -5.74 23.35 -12.65
N GLU A 98 -4.85 22.36 -12.77
CA GLU A 98 -5.24 20.96 -12.94
C GLU A 98 -4.69 20.21 -11.74
N GLU A 99 -5.59 19.72 -10.89
CA GLU A 99 -5.18 19.13 -9.61
C GLU A 99 -4.16 18.02 -9.81
N ASN A 100 -4.35 17.18 -10.83
CA ASN A 100 -3.46 16.07 -11.10
C ASN A 100 -2.08 16.50 -11.57
N SER A 101 -1.83 17.80 -11.69
CA SER A 101 -0.57 18.27 -12.24
C SER A 101 0.54 18.15 -11.22
N GLN A 102 1.78 18.06 -11.73
CA GLN A 102 2.94 18.17 -10.84
C GLN A 102 2.96 19.49 -10.09
N PRO A 103 2.76 20.65 -10.73
CA PRO A 103 2.77 21.91 -9.96
C PRO A 103 1.76 21.93 -8.82
N ARG A 104 0.52 21.54 -9.07
CA ARG A 104 -0.49 21.59 -8.01
C ARG A 104 -0.15 20.62 -6.89
N ARG A 105 0.32 19.42 -7.25
CA ARG A 105 0.77 18.48 -6.22
C ARG A 105 1.90 19.07 -5.40
N ASN A 106 2.76 19.87 -6.03
CA ASN A 106 3.84 20.50 -5.27
C ASN A 106 3.33 21.62 -4.39
N LEU A 107 2.29 22.34 -4.82
CA LEU A 107 1.68 23.33 -3.94
C LEU A 107 1.10 22.67 -2.69
N THR A 108 0.41 21.55 -2.87
CA THR A 108 -0.11 20.78 -1.75
C THR A 108 1.01 20.38 -0.79
N LYS A 109 2.16 19.95 -1.33
CA LYS A 109 3.28 19.60 -0.47
C LYS A 109 3.79 20.82 0.30
N LEU A 110 3.86 21.98 -0.37
CA LEU A 110 4.35 23.16 0.32
C LEU A 110 3.35 23.67 1.37
N SER A 111 2.06 23.46 1.15
CA SER A 111 1.09 23.87 2.17
C SER A 111 1.26 23.05 3.45
N LEU A 112 1.56 21.76 3.33
CA LEU A 112 1.88 20.96 4.51
C LEU A 112 3.12 21.50 5.21
N ILE A 113 4.13 21.91 4.44
CA ILE A 113 5.38 22.36 5.03
C ILE A 113 5.14 23.66 5.82
N PHE A 114 4.35 24.57 5.25
CA PHE A 114 4.01 25.80 5.98
C PHE A 114 3.26 25.49 7.26
N SER A 115 2.36 24.51 7.23
CA SER A 115 1.67 24.09 8.45
C SER A 115 2.67 23.61 9.49
N HIS A 116 3.61 22.75 9.07
CA HIS A 116 4.61 22.23 10.00
C HIS A 116 5.48 23.35 10.58
N MET A 117 5.88 24.30 9.73
CA MET A 117 6.77 25.37 10.19
C MET A 117 6.10 26.22 11.25
N LEU A 118 4.81 26.53 11.08
CA LEU A 118 4.09 27.32 12.06
C LEU A 118 3.94 26.56 13.37
N ALA A 119 3.64 25.24 13.29
CA ALA A 119 3.54 24.43 14.50
C ALA A 119 4.87 24.36 15.23
N GLU A 120 5.97 24.19 14.48
CA GLU A 120 7.29 24.22 15.09
C GLU A 120 7.56 25.57 15.76
N LEU A 121 7.31 26.67 15.03
CA LEU A 121 7.64 27.99 15.56
C LEU A 121 6.86 28.29 16.83
N LYS A 122 5.60 27.85 16.89
CA LYS A 122 4.81 28.05 18.11
C LYS A 122 5.26 27.08 19.19
N GLY A 123 5.80 25.92 18.82
CA GLY A 123 6.35 25.02 19.82
C GLY A 123 7.61 25.59 20.45
N ILE A 124 8.46 26.25 19.67
CA ILE A 124 9.73 26.74 20.19
C ILE A 124 9.59 28.12 20.80
N PHE A 125 8.67 28.96 20.29
CA PHE A 125 8.33 30.26 20.85
C PHE A 125 6.90 30.26 21.37
N PRO A 126 6.60 29.46 22.40
CA PRO A 126 5.19 29.28 22.82
C PRO A 126 4.36 30.55 22.93
N SER A 127 4.89 31.57 23.60
CA SER A 127 4.14 32.82 23.73
C SER A 127 4.87 33.97 23.07
N GLY A 128 5.72 33.66 22.09
CA GLY A 128 6.61 34.63 21.52
C GLY A 128 7.94 34.72 22.22
N LEU A 129 8.16 33.91 23.25
CA LEU A 129 9.40 33.86 24.01
C LEU A 129 10.13 32.57 23.66
N PHE A 130 11.45 32.67 23.48
CA PHE A 130 12.22 31.48 23.14
C PHE A 130 12.24 30.51 24.32
N GLN A 131 11.79 29.28 24.06
CA GLN A 131 11.81 28.23 25.08
C GLN A 131 12.44 26.95 24.53
N GLY A 132 13.19 27.06 23.43
CA GLY A 132 13.75 25.87 22.82
C GLY A 132 14.64 25.08 23.76
N ASP A 133 15.51 25.79 24.48
CA ASP A 133 16.45 25.14 25.39
C ASP A 133 15.77 24.49 26.61
N THR A 134 14.45 24.64 26.77
CA THR A 134 13.72 23.93 27.81
C THR A 134 12.60 23.07 27.23
N PHE A 135 12.63 22.78 25.93
CA PHE A 135 11.57 22.00 25.31
C PHE A 135 11.48 20.62 25.95
N ARG A 136 10.28 20.23 26.37
CA ARG A 136 10.05 18.94 27.00
C ARG A 136 9.76 17.89 25.92
N ILE A 137 10.69 16.96 25.73
CA ILE A 137 10.51 15.85 24.80
C ILE A 137 9.62 14.81 25.46
N THR A 138 8.57 14.38 24.74
CA THR A 138 7.49 13.64 25.39
C THR A 138 7.95 12.28 25.92
N LYS A 139 8.72 11.53 25.14
CA LYS A 139 9.07 10.15 25.50
C LYS A 139 10.41 10.12 26.21
N ALA A 140 10.43 9.54 27.41
CA ALA A 140 11.60 9.63 28.29
C ALA A 140 12.85 9.10 27.61
N ASP A 141 12.76 7.92 26.98
CA ASP A 141 13.92 7.36 26.29
C ASP A 141 14.44 8.31 25.21
N ALA A 142 13.52 8.88 24.42
CA ALA A 142 13.95 9.82 23.38
C ALA A 142 14.59 11.06 24.00
N ALA A 143 14.00 11.56 25.09
CA ALA A 143 14.57 12.72 25.78
C ALA A 143 15.99 12.45 26.25
N GLU A 144 16.25 11.26 26.80
CA GLU A 144 17.61 10.97 27.26
C GLU A 144 18.57 10.88 26.09
N PHE A 145 18.11 10.40 24.94
CA PHE A 145 18.96 10.37 23.76
C PHE A 145 19.39 11.77 23.35
N TRP A 146 18.41 12.68 23.24
CA TRP A 146 18.71 14.03 22.78
C TRP A 146 19.62 14.78 23.74
N ARG A 147 19.44 14.53 25.05
CA ARG A 147 20.25 15.23 26.05
C ARG A 147 21.71 14.77 26.00
N LYS A 148 21.92 13.46 25.91
CA LYS A 148 23.28 12.94 25.86
C LYS A 148 24.00 13.41 24.61
N ALA A 149 23.30 13.44 23.48
CA ALA A 149 23.93 13.79 22.21
C ALA A 149 24.03 15.30 22.01
N PHE A 150 22.98 16.05 22.31
CA PHE A 150 22.92 17.45 21.94
C PHE A 150 22.71 18.40 23.10
N GLY A 151 22.56 17.90 24.32
CA GLY A 151 22.39 18.80 25.46
C GLY A 151 21.08 19.58 25.35
N GLU A 152 21.20 20.91 25.46
CA GLU A 152 20.05 21.82 25.41
C GLU A 152 19.82 22.41 24.03
N LYS A 153 20.53 21.95 23.01
CA LYS A 153 20.40 22.50 21.68
C LYS A 153 18.96 22.34 21.17
N THR A 154 18.48 23.36 20.47
CA THR A 154 17.15 23.34 19.88
C THR A 154 17.15 22.74 18.48
N ILE A 155 18.24 22.89 17.74
CA ILE A 155 18.26 22.46 16.35
C ILE A 155 19.67 22.01 16.01
N VAL A 156 19.78 20.96 15.19
CA VAL A 156 21.11 20.48 14.75
C VAL A 156 21.08 20.17 13.27
N PRO A 157 22.23 20.29 12.61
CA PRO A 157 22.32 19.89 11.20
C PRO A 157 21.97 18.42 11.03
N TRP A 158 21.41 18.09 9.86
CA TRP A 158 20.99 16.72 9.59
C TRP A 158 22.15 15.75 9.73
N LYS A 159 23.32 16.11 9.20
CA LYS A 159 24.47 15.22 9.25
C LYS A 159 24.87 14.92 10.70
N SER A 160 24.74 15.90 11.58
CA SER A 160 25.04 15.65 12.99
C SER A 160 23.99 14.74 13.62
N PHE A 161 22.71 14.99 13.32
CA PHE A 161 21.67 14.11 13.84
C PHE A 161 21.85 12.68 13.34
N ARG A 162 22.05 12.51 12.04
CA ARG A 162 22.22 11.17 11.48
C ARG A 162 23.38 10.45 12.16
N GLN A 163 24.49 11.17 12.37
CA GLN A 163 25.66 10.57 13.02
C GLN A 163 25.35 10.15 14.45
N ALA A 164 24.68 11.02 15.21
CA ALA A 164 24.37 10.67 16.60
C ALA A 164 23.36 9.53 16.68
N LEU A 165 22.34 9.55 15.80
CA LEU A 165 21.36 8.46 15.82
C LEU A 165 21.99 7.12 15.46
N HIS A 166 22.89 7.11 14.48
CA HIS A 166 23.51 5.88 14.00
C HIS A 166 24.19 5.11 15.13
N GLU A 167 24.69 5.82 16.15
CA GLU A 167 25.40 5.16 17.24
C GLU A 167 24.48 4.29 18.07
N VAL A 168 23.20 4.65 18.17
CA VAL A 168 22.26 3.90 18.99
C VAL A 168 21.30 3.08 18.14
N HIS A 169 20.91 3.59 16.97
CA HIS A 169 20.05 2.88 16.02
C HIS A 169 20.75 2.92 14.67
N PRO A 170 21.52 1.88 14.32
CA PRO A 170 22.28 1.94 13.06
C PRO A 170 21.38 2.14 11.85
N ILE A 171 21.84 2.97 10.93
CA ILE A 171 21.20 3.21 9.65
C ILE A 171 22.02 2.47 8.59
N SER A 172 21.39 1.50 7.91
CA SER A 172 22.15 0.51 7.16
C SER A 172 22.71 1.04 5.84
N SER A 173 22.18 2.12 5.30
CA SER A 173 22.57 2.56 3.96
C SER A 173 22.21 4.02 3.81
N GLY A 174 22.86 4.67 2.84
CA GLY A 174 22.46 6.02 2.45
C GLY A 174 21.04 6.07 1.94
N LEU A 175 20.59 4.98 1.32
CA LEU A 175 19.19 4.87 0.89
C LEU A 175 18.25 4.95 2.10
N GLU A 176 18.54 4.16 3.14
CA GLU A 176 17.69 4.21 4.33
C GLU A 176 17.77 5.57 4.99
N ALA A 177 18.95 6.20 4.95
CA ALA A 177 19.14 7.51 5.59
C ALA A 177 18.27 8.58 4.93
N MET A 178 18.19 8.58 3.61
CA MET A 178 17.41 9.60 2.92
C MET A 178 15.91 9.36 3.09
N ALA A 179 15.48 8.10 3.13
CA ALA A 179 14.09 7.81 3.47
C ALA A 179 13.75 8.32 4.87
N LEU A 180 14.68 8.16 5.83
CA LEU A 180 14.41 8.61 7.19
C LEU A 180 14.32 10.13 7.27
N LYS A 181 15.30 10.82 6.69
CA LYS A 181 15.31 12.28 6.64
C LYS A 181 13.99 12.82 6.10
N SER A 182 13.49 12.17 5.04
CA SER A 182 12.23 12.59 4.44
C SER A 182 11.08 12.54 5.44
N THR A 183 11.07 11.54 6.33
CA THR A 183 10.00 11.44 7.32
C THR A 183 10.19 12.45 8.45
N ILE A 184 11.41 12.58 8.97
CA ILE A 184 11.61 13.38 10.17
C ILE A 184 11.82 14.87 9.89
N ASP A 185 12.44 15.24 8.76
CA ASP A 185 12.64 16.64 8.41
C ASP A 185 11.34 17.24 7.89
N LEU A 186 10.40 17.51 8.81
CA LEU A 186 9.06 17.99 8.43
C LEU A 186 9.13 19.35 7.73
N THR A 187 9.97 20.26 8.22
CA THR A 187 10.09 21.59 7.64
C THR A 187 11.02 21.63 6.44
N CYS A 188 11.63 20.51 6.06
CA CYS A 188 12.44 20.40 4.84
C CYS A 188 13.52 21.46 4.77
N ASN A 189 14.32 21.57 5.83
CA ASN A 189 15.37 22.57 5.90
C ASN A 189 16.74 21.97 6.17
N ASP A 190 16.88 20.64 6.08
CA ASP A 190 18.12 19.91 6.32
C ASP A 190 18.64 20.08 7.74
N TYR A 191 17.77 20.46 8.67
CA TYR A 191 18.02 20.43 10.10
C TYR A 191 16.97 19.57 10.78
N ILE A 192 17.28 19.13 12.00
CA ILE A 192 16.32 18.47 12.86
C ILE A 192 16.19 19.32 14.12
N SER A 193 15.01 19.86 14.35
CA SER A 193 14.76 20.56 15.60
C SER A 193 14.35 19.56 16.66
N VAL A 194 14.48 19.98 17.93
CA VAL A 194 13.99 19.20 19.04
C VAL A 194 12.49 18.93 18.88
N PHE A 195 11.79 19.83 18.20
CA PHE A 195 10.36 19.67 17.96
C PHE A 195 10.08 18.57 16.94
N GLU A 196 10.79 18.59 15.81
CA GLU A 196 10.63 17.51 14.85
C GLU A 196 11.00 16.17 15.48
N PHE A 197 12.05 16.16 16.31
CA PHE A 197 12.45 14.93 16.98
C PHE A 197 11.36 14.42 17.91
N ASP A 198 10.74 15.33 18.67
CA ASP A 198 9.64 14.95 19.54
C ASP A 198 8.51 14.28 18.74
N ILE A 199 8.12 14.89 17.62
CA ILE A 199 7.03 14.35 16.80
C ILE A 199 7.39 12.95 16.33
N PHE A 200 8.57 12.81 15.74
CA PHE A 200 8.99 11.52 15.18
C PHE A 200 8.99 10.43 16.25
N THR A 201 9.55 10.72 17.43
CA THR A 201 9.67 9.66 18.43
C THR A 201 8.34 9.37 19.12
N ARG A 202 7.41 10.34 19.13
CA ARG A 202 6.06 10.02 19.55
C ARG A 202 5.38 9.08 18.56
N LEU A 203 5.49 9.35 17.25
CA LEU A 203 4.84 8.49 16.26
C LEU A 203 5.42 7.08 16.25
N PHE A 204 6.75 6.93 16.42
CA PHE A 204 7.41 5.65 16.15
C PHE A 204 8.01 5.02 17.40
N GLN A 205 7.44 5.36 18.56
CA GLN A 205 7.71 4.67 19.83
C GLN A 205 7.33 3.19 19.71
N PRO A 206 7.93 2.31 20.52
CA PRO A 206 8.92 2.63 21.56
C PRO A 206 10.31 2.88 20.99
N TRP A 207 11.07 3.70 21.72
CA TRP A 207 12.42 4.08 21.30
C TRP A 207 13.27 2.84 20.99
N SER A 208 13.07 1.78 21.76
CA SER A 208 13.95 0.61 21.67
C SER A 208 13.92 -0.02 20.27
N SER A 209 12.82 0.12 19.53
CA SER A 209 12.76 -0.41 18.17
C SER A 209 12.42 0.67 17.14
N LEU A 210 12.85 1.92 17.40
CA LEU A 210 12.45 3.10 16.63
C LEU A 210 12.42 2.88 15.11
N LEU A 211 13.57 2.51 14.51
CA LEU A 211 13.62 2.48 13.06
C LEU A 211 12.82 1.31 12.49
N ARG A 212 12.73 0.19 13.21
CA ARG A 212 11.87 -0.91 12.78
C ARG A 212 10.41 -0.49 12.81
N ASN A 213 10.01 0.24 13.86
CA ASN A 213 8.67 0.78 13.94
C ASN A 213 8.38 1.68 12.75
N TRP A 214 9.30 2.61 12.49
CA TRP A 214 9.14 3.56 11.39
C TRP A 214 9.04 2.85 10.04
N ASN A 215 9.94 1.90 9.78
CA ASN A 215 9.89 1.17 8.51
C ASN A 215 8.58 0.41 8.38
N SER A 216 8.18 -0.31 9.45
CA SER A 216 6.98 -1.14 9.41
C SER A 216 5.70 -0.34 9.25
N LEU A 217 5.67 0.93 9.64
CA LEU A 217 4.46 1.75 9.63
C LEU A 217 4.44 2.75 8.49
N ALA A 218 5.56 3.44 8.24
CA ALA A 218 5.60 4.52 7.25
C ALA A 218 6.10 4.09 5.88
N VAL A 219 6.80 2.96 5.78
CA VAL A 219 7.40 2.54 4.50
C VAL A 219 6.71 1.31 3.94
N THR A 220 6.48 0.28 4.76
CA THR A 220 6.05 -1.01 4.25
C THR A 220 4.63 -1.37 4.69
N HIS A 221 3.79 -0.38 4.95
CA HIS A 221 2.41 -0.68 5.36
C HIS A 221 1.41 -0.05 4.39
N PRO A 222 0.66 -0.84 3.62
CA PRO A 222 -0.29 -0.23 2.67
C PRO A 222 -1.47 0.49 3.32
N GLY A 223 -1.71 0.31 4.64
CA GLY A 223 -2.76 1.12 5.23
C GLY A 223 -2.36 2.52 5.59
N TYR A 224 -1.05 2.81 5.60
CA TYR A 224 -0.57 4.13 5.94
C TYR A 224 -0.90 5.13 4.84
N MET A 225 -1.48 6.27 5.22
CA MET A 225 -1.90 7.25 4.23
C MET A 225 -1.22 8.61 4.40
N ALA A 226 -0.21 8.72 5.26
CA ALA A 226 0.49 9.99 5.50
C ALA A 226 -0.54 10.99 6.02
N PHE A 227 -0.52 12.24 5.57
CA PHE A 227 -1.41 13.27 6.09
C PHE A 227 -2.74 13.24 5.35
N LEU A 228 -3.83 13.04 6.10
CA LEU A 228 -5.18 13.16 5.58
C LEU A 228 -6.04 13.88 6.61
N THR A 229 -7.07 14.56 6.13
CA THR A 229 -8.10 15.09 7.02
C THR A 229 -9.13 14.01 7.36
N TYR A 230 -9.97 14.32 8.35
CA TYR A 230 -11.11 13.47 8.68
C TYR A 230 -11.98 13.20 7.46
N ASP A 231 -12.32 14.24 6.70
CA ASP A 231 -13.16 14.04 5.52
C ASP A 231 -12.49 13.13 4.49
N GLU A 232 -11.18 13.28 4.32
CA GLU A 232 -10.46 12.48 3.32
C GLU A 232 -10.42 11.00 3.73
N VAL A 233 -10.38 10.72 5.03
CA VAL A 233 -10.41 9.34 5.50
C VAL A 233 -11.70 8.68 5.06
N LYS A 234 -12.83 9.36 5.30
CA LYS A 234 -14.13 8.84 4.87
C LYS A 234 -14.18 8.64 3.36
N ALA A 235 -13.70 9.62 2.58
CA ALA A 235 -13.75 9.48 1.13
C ALA A 235 -12.91 8.30 0.65
N ARG A 236 -11.75 8.09 1.27
CA ARG A 236 -10.87 7.00 0.87
C ARG A 236 -11.49 5.64 1.16
N LEU A 237 -12.18 5.50 2.29
CA LEU A 237 -12.76 4.23 2.67
C LEU A 237 -14.13 4.01 2.04
N GLN A 238 -14.67 5.02 1.39
CA GLN A 238 -16.04 4.95 0.88
C GLN A 238 -16.21 3.80 -0.12
N LYS A 239 -15.18 3.51 -0.91
CA LYS A 239 -15.32 2.42 -1.87
C LYS A 239 -15.34 1.06 -1.18
N PHE A 240 -14.93 0.99 0.08
CA PHE A 240 -14.95 -0.26 0.84
C PHE A 240 -16.02 -0.26 1.92
N ILE A 241 -17.06 0.55 1.74
CA ILE A 241 -18.09 0.75 2.77
C ILE A 241 -18.85 -0.54 3.05
N HIS A 242 -18.89 -1.46 2.08
CA HIS A 242 -19.49 -2.77 2.26
C HIS A 242 -18.45 -3.87 2.43
N LYS A 243 -17.22 -3.51 2.80
CA LYS A 243 -16.25 -4.52 3.19
C LYS A 243 -15.84 -4.26 4.63
N PRO A 244 -16.64 -4.72 5.61
CA PRO A 244 -16.30 -4.45 7.01
C PRO A 244 -14.90 -4.92 7.33
N GLY A 245 -14.18 -4.11 8.09
CA GLY A 245 -12.81 -4.43 8.42
C GLY A 245 -11.79 -3.71 7.56
N SER A 246 -12.21 -3.07 6.47
CA SER A 246 -11.30 -2.22 5.75
C SER A 246 -10.91 -1.04 6.64
N TYR A 247 -9.62 -0.70 6.65
CA TYR A 247 -9.13 0.35 7.53
C TYR A 247 -7.93 1.03 6.89
N ILE A 248 -7.67 2.26 7.35
CA ILE A 248 -6.45 3.00 7.02
C ILE A 248 -6.00 3.71 8.28
N PHE A 249 -4.75 4.17 8.29
CA PHE A 249 -4.27 5.02 9.37
C PHE A 249 -3.48 6.17 8.79
N ARG A 250 -3.42 7.30 9.52
CA ARG A 250 -2.95 8.53 8.89
C ARG A 250 -2.47 9.50 9.96
N LEU A 251 -1.84 10.56 9.49
CA LEU A 251 -1.38 11.67 10.30
C LEU A 251 -2.31 12.86 10.13
N SER A 252 -2.28 13.75 11.11
CA SER A 252 -3.10 14.95 11.10
C SER A 252 -2.17 16.15 11.16
N CYS A 253 -2.28 17.06 10.18
CA CYS A 253 -1.42 18.25 10.23
C CYS A 253 -1.85 19.24 11.31
N THR A 254 -3.09 19.14 11.80
CA THR A 254 -3.51 19.98 12.90
C THR A 254 -3.11 19.39 14.26
N ARG A 255 -2.75 18.10 14.34
CA ARG A 255 -2.34 17.46 15.59
CA ARG A 255 -2.36 17.44 15.58
C ARG A 255 -1.06 16.65 15.32
N LEU A 256 0.05 17.36 15.18
CA LEU A 256 1.30 16.68 14.87
C LEU A 256 1.69 15.73 16.00
N GLY A 257 2.23 14.58 15.63
CA GLY A 257 2.60 13.56 16.60
C GLY A 257 1.48 12.63 17.00
N GLN A 258 0.31 12.80 16.44
CA GLN A 258 -0.85 11.98 16.77
C GLN A 258 -1.18 11.08 15.58
N TRP A 259 -1.44 9.81 15.84
CA TRP A 259 -2.01 8.89 14.85
C TRP A 259 -3.52 8.85 14.96
N ALA A 260 -4.18 8.64 13.82
CA ALA A 260 -5.61 8.43 13.74
C ALA A 260 -5.90 7.27 12.77
N ILE A 261 -6.98 6.55 13.05
CA ILE A 261 -7.35 5.33 12.34
C ILE A 261 -8.76 5.53 11.80
N GLY A 262 -9.03 5.00 10.63
CA GLY A 262 -10.39 4.92 10.12
C GLY A 262 -10.72 3.50 9.73
N TYR A 263 -11.97 3.08 9.98
CA TYR A 263 -12.32 1.69 9.69
C TYR A 263 -13.79 1.57 9.34
N VAL A 264 -14.10 0.55 8.56
CA VAL A 264 -15.46 0.28 8.09
C VAL A 264 -16.08 -0.71 9.08
N THR A 265 -17.24 -0.37 9.66
CA THR A 265 -17.89 -1.27 10.59
C THR A 265 -18.68 -2.34 9.84
N ALA A 266 -19.19 -3.31 10.59
CA ALA A 266 -20.06 -4.33 10.00
C ALA A 266 -21.35 -3.73 9.45
N ASP A 267 -21.80 -2.59 9.96
CA ASP A 267 -23.10 -2.08 9.55
C ASP A 267 -23.02 -0.93 8.56
N GLY A 268 -21.90 -0.80 7.85
CA GLY A 268 -21.83 0.14 6.75
C GLY A 268 -21.50 1.57 7.13
N ASN A 269 -20.80 1.78 8.24
CA ASN A 269 -20.39 3.09 8.71
CA ASN A 269 -20.39 3.10 8.67
C ASN A 269 -18.87 3.16 8.75
N ILE A 270 -18.34 4.37 8.64
CA ILE A 270 -16.89 4.60 8.75
C ILE A 270 -16.65 5.35 10.06
N LEU A 271 -15.83 4.77 10.94
CA LEU A 271 -15.51 5.44 12.20
C LEU A 271 -14.02 5.71 12.29
N GLN A 272 -13.66 6.77 13.02
CA GLN A 272 -12.28 7.16 13.19
C GLN A 272 -11.93 7.18 14.67
N THR A 273 -10.72 6.70 14.99
CA THR A 273 -10.32 6.56 16.40
C THR A 273 -8.82 6.78 16.48
N ILE A 274 -8.30 6.83 17.71
CA ILE A 274 -6.86 6.87 17.94
C ILE A 274 -6.48 5.64 18.74
N PRO A 275 -5.21 5.23 18.69
CA PRO A 275 -4.71 4.23 19.66
C PRO A 275 -4.89 4.75 21.07
N HIS A 276 -5.40 3.90 21.95
CA HIS A 276 -5.64 4.30 23.33
C HIS A 276 -4.47 3.85 24.19
N ASN A 277 -3.59 4.81 24.54
CA ASN A 277 -2.51 4.58 25.49
C ASN A 277 -1.61 3.42 25.09
N LYS A 278 -1.28 3.33 23.81
CA LYS A 278 -0.46 2.24 23.33
C LYS A 278 0.10 2.63 21.96
N PRO A 279 1.25 2.08 21.59
CA PRO A 279 1.78 2.39 20.27
C PRO A 279 0.81 1.94 19.19
N LEU A 280 0.92 2.58 18.03
CA LEU A 280 0.02 2.29 16.92
C LEU A 280 0.10 0.83 16.51
N PHE A 281 1.32 0.26 16.42
CA PHE A 281 1.42 -1.12 15.94
C PHE A 281 0.67 -2.09 16.85
N GLN A 282 0.63 -1.82 18.16
CA GLN A 282 -0.16 -2.66 19.06
C GLN A 282 -1.65 -2.52 18.79
N ALA A 283 -2.12 -1.30 18.51
CA ALA A 283 -3.52 -1.12 18.13
C ALA A 283 -3.84 -1.88 16.84
N LEU A 284 -2.89 -1.90 15.89
CA LEU A 284 -3.10 -2.65 14.66
C LEU A 284 -3.13 -4.15 14.93
N ILE A 285 -2.19 -4.67 15.72
CA ILE A 285 -2.22 -6.08 16.10
C ILE A 285 -3.54 -6.44 16.78
N ASP A 286 -3.92 -5.66 17.80
CA ASP A 286 -5.16 -5.92 18.51
C ASP A 286 -6.36 -5.80 17.58
N GLY A 287 -6.38 -4.79 16.72
CA GLY A 287 -7.52 -4.61 15.84
C GLY A 287 -7.68 -5.75 14.85
N PHE A 288 -6.58 -6.31 14.38
CA PHE A 288 -6.70 -7.45 13.47
C PHE A 288 -7.29 -8.64 14.19
N ARG A 289 -6.77 -8.94 15.38
CA ARG A 289 -7.22 -10.10 16.13
C ARG A 289 -8.68 -9.97 16.51
N GLU A 290 -9.13 -8.75 16.79
CA GLU A 290 -10.51 -8.52 17.20
C GLU A 290 -11.46 -8.40 16.03
N GLY A 291 -10.94 -8.39 14.80
CA GLY A 291 -11.78 -8.36 13.62
C GLY A 291 -12.16 -6.99 13.11
N PHE A 292 -11.53 -5.94 13.63
CA PHE A 292 -11.83 -4.57 13.20
C PHE A 292 -10.92 -4.05 12.10
N TYR A 293 -9.63 -4.37 12.16
CA TYR A 293 -8.64 -3.82 11.23
C TYR A 293 -8.06 -4.98 10.44
N LEU A 294 -8.75 -5.40 9.37
CA LEU A 294 -8.43 -6.61 8.61
C LEU A 294 -7.80 -6.33 7.25
N PHE A 295 -8.28 -5.29 6.56
CA PHE A 295 -8.01 -5.09 5.14
C PHE A 295 -7.45 -3.69 4.96
N PRO A 296 -6.12 -3.55 4.94
CA PRO A 296 -5.54 -2.19 4.88
C PRO A 296 -5.80 -1.57 3.52
N ASP A 297 -6.49 -0.43 3.51
CA ASP A 297 -6.90 0.21 2.26
C ASP A 297 -7.72 -0.76 1.40
N GLY A 298 -8.49 -1.64 2.05
CA GLY A 298 -9.30 -2.61 1.34
C GLY A 298 -8.59 -3.87 0.88
N ARG A 299 -7.27 -3.99 1.09
CA ARG A 299 -6.52 -5.11 0.52
C ARG A 299 -6.71 -6.39 1.33
N ASN A 300 -6.61 -7.52 0.64
CA ASN A 300 -6.93 -8.78 1.31
C ASN A 300 -5.82 -9.23 2.26
N GLN A 301 -4.57 -8.86 2.00
CA GLN A 301 -3.46 -9.23 2.88
C GLN A 301 -3.17 -8.08 3.86
N ASN A 302 -2.80 -8.43 5.09
CA ASN A 302 -2.59 -7.44 6.16
C ASN A 302 -1.21 -7.68 6.78
N PRO A 303 -0.35 -6.66 6.84
CA PRO A 303 0.93 -6.81 7.55
C PRO A 303 0.69 -7.32 8.95
N ASP A 304 1.52 -8.26 9.37
CA ASP A 304 1.50 -8.77 10.73
C ASP A 304 2.65 -8.08 11.47
N LEU A 305 2.30 -7.15 12.36
CA LEU A 305 3.31 -6.39 13.09
C LEU A 305 3.76 -7.07 14.39
N THR A 306 3.26 -8.28 14.66
CA THR A 306 3.54 -8.97 15.90
C THR A 306 5.03 -9.03 16.21
N GLY A 307 5.87 -9.15 15.19
CA GLY A 307 7.31 -9.20 15.42
C GLY A 307 7.88 -7.97 16.12
N LEU A 308 7.17 -6.84 16.09
CA LEU A 308 7.69 -5.62 16.71
C LEU A 308 7.59 -5.64 18.23
N CYS A 309 6.88 -6.58 18.83
CA CYS A 309 6.71 -6.59 20.28
C CYS A 309 7.90 -7.24 20.98
N GLU A 310 8.15 -6.79 22.21
CA GLU A 310 9.27 -7.30 22.99
C GLU A 310 8.77 -7.97 24.28
N MET B 6 -30.79 -28.86 8.30
CA MET B 6 -31.71 -28.33 9.29
C MET B 6 -31.49 -26.83 9.43
N GLN B 7 -32.50 -26.10 9.89
CA GLN B 7 -32.34 -24.68 10.07
C GLN B 7 -32.28 -24.33 11.55
N ILE B 8 -31.47 -23.32 11.87
CA ILE B 8 -31.42 -22.69 13.18
C ILE B 8 -31.51 -21.19 12.95
N PHE B 9 -31.73 -20.46 14.03
CA PHE B 9 -31.94 -19.02 13.95
C PHE B 9 -30.91 -18.30 14.81
N VAL B 10 -30.53 -17.11 14.38
CA VAL B 10 -29.58 -16.28 15.11
C VAL B 10 -30.20 -14.89 15.23
N LYS B 11 -30.39 -14.46 16.48
CA LYS B 11 -30.91 -13.12 16.79
C LYS B 11 -29.74 -12.16 16.98
N THR B 12 -29.75 -11.08 16.19
CA THR B 12 -28.68 -10.09 16.25
C THR B 12 -29.02 -8.99 17.25
N LEU B 13 -28.05 -8.12 17.49
CA LEU B 13 -28.21 -7.08 18.48
C LEU B 13 -29.30 -6.07 18.10
N THR B 14 -29.66 -5.98 16.82
CA THR B 14 -30.74 -5.09 16.38
C THR B 14 -32.12 -5.73 16.49
N GLY B 15 -32.23 -6.93 17.06
CA GLY B 15 -33.51 -7.61 17.11
C GLY B 15 -33.86 -8.34 15.85
N LYS B 16 -32.90 -8.52 14.95
CA LYS B 16 -33.11 -9.22 13.70
C LYS B 16 -32.88 -10.71 13.90
N THR B 17 -33.81 -11.52 13.40
CA THR B 17 -33.65 -12.97 13.41
C THR B 17 -33.21 -13.42 12.03
N ILE B 18 -32.00 -13.98 11.92
CA ILE B 18 -31.56 -14.53 10.64
C ILE B 18 -31.63 -16.06 10.71
N THR B 19 -31.88 -16.66 9.54
CA THR B 19 -32.10 -18.09 9.39
C THR B 19 -30.93 -18.71 8.63
N LEU B 20 -30.30 -19.72 9.23
CA LEU B 20 -29.19 -20.43 8.64
C LEU B 20 -29.57 -21.88 8.37
N GLU B 21 -28.96 -22.45 7.34
CA GLU B 21 -29.03 -23.88 7.08
C GLU B 21 -27.70 -24.49 7.50
N VAL B 22 -27.75 -25.44 8.43
CA VAL B 22 -26.55 -26.01 9.03
C VAL B 22 -26.71 -27.53 9.08
N GLU B 23 -25.68 -28.18 9.64
CA GLU B 23 -25.69 -29.59 10.00
C GLU B 23 -25.28 -29.72 11.46
N PRO B 24 -25.75 -30.75 12.16
CA PRO B 24 -25.33 -30.95 13.57
C PRO B 24 -23.82 -31.04 13.74
N SER B 25 -23.10 -31.49 12.71
CA SER B 25 -21.66 -31.64 12.79
C SER B 25 -20.90 -30.35 12.50
N ASP B 26 -21.60 -29.26 12.16
CA ASP B 26 -20.94 -28.00 11.85
C ASP B 26 -20.30 -27.39 13.09
N THR B 27 -19.08 -26.87 12.93
CA THR B 27 -18.44 -26.20 14.05
C THR B 27 -18.97 -24.78 14.19
N ILE B 28 -18.74 -24.20 15.37
CA ILE B 28 -19.11 -22.81 15.59
C ILE B 28 -18.41 -21.88 14.59
N GLU B 29 -17.19 -22.23 14.18
CA GLU B 29 -16.50 -21.45 13.15
C GLU B 29 -17.27 -21.49 11.83
N ASN B 30 -17.79 -22.66 11.45
CA ASN B 30 -18.62 -22.74 10.25
C ASN B 30 -19.87 -21.87 10.37
N VAL B 31 -20.46 -21.81 11.56
CA VAL B 31 -21.68 -21.02 11.75
C VAL B 31 -21.38 -19.54 11.55
N LYS B 32 -20.35 -19.02 12.23
CA LYS B 32 -19.94 -17.64 12.03
C LYS B 32 -19.67 -17.34 10.56
N ALA B 33 -19.08 -18.29 9.81
CA ALA B 33 -18.91 -18.07 8.37
C ALA B 33 -20.25 -17.93 7.66
N LYS B 34 -21.24 -18.72 8.06
CA LYS B 34 -22.57 -18.59 7.47
C LYS B 34 -23.18 -17.24 7.82
N ILE B 35 -22.95 -16.77 9.05
CA ILE B 35 -23.47 -15.47 9.47
C ILE B 35 -22.83 -14.35 8.65
N GLN B 36 -21.51 -14.43 8.43
CA GLN B 36 -20.86 -13.46 7.56
C GLN B 36 -21.47 -13.47 6.16
N ASP B 37 -21.73 -14.66 5.62
CA ASP B 37 -22.33 -14.77 4.30
C ASP B 37 -23.65 -14.03 4.23
N LYS B 38 -24.43 -14.04 5.32
CA LYS B 38 -25.74 -13.40 5.31
C LYS B 38 -25.71 -11.97 5.82
N GLU B 39 -24.84 -11.64 6.78
CA GLU B 39 -24.86 -10.34 7.42
C GLU B 39 -23.63 -9.48 7.16
N GLY B 40 -22.53 -10.06 6.70
CA GLY B 40 -21.31 -9.30 6.47
C GLY B 40 -20.46 -9.06 7.71
N ILE B 41 -20.85 -9.58 8.86
CA ILE B 41 -20.11 -9.40 10.11
C ILE B 41 -18.85 -10.27 10.10
N PRO B 42 -17.66 -9.70 10.25
CA PRO B 42 -16.44 -10.55 10.31
C PRO B 42 -16.53 -11.54 11.47
N PRO B 43 -16.12 -12.79 11.26
CA PRO B 43 -16.27 -13.79 12.33
C PRO B 43 -15.60 -13.41 13.64
N ASP B 44 -14.45 -12.71 13.62
CA ASP B 44 -13.81 -12.34 14.86
C ASP B 44 -14.61 -11.30 15.65
N GLN B 45 -15.55 -10.61 15.00
CA GLN B 45 -16.43 -9.67 15.70
C GLN B 45 -17.67 -10.36 16.27
N GLN B 46 -17.83 -11.66 16.03
CA GLN B 46 -19.02 -12.40 16.42
C GLN B 46 -18.76 -13.19 17.70
N ARG B 47 -19.64 -13.01 18.68
CA ARG B 47 -19.70 -13.89 19.84
C ARG B 47 -21.10 -14.48 19.88
N LEU B 48 -21.19 -15.80 20.06
CA LEU B 48 -22.46 -16.51 20.05
C LEU B 48 -22.78 -17.05 21.44
N ILE B 49 -24.04 -16.91 21.84
CA ILE B 49 -24.49 -17.26 23.18
C ILE B 49 -25.74 -18.13 23.04
N PHE B 50 -25.77 -19.24 23.78
CA PHE B 50 -26.91 -20.13 23.78
C PHE B 50 -27.02 -20.81 25.13
N ALA B 51 -28.21 -20.75 25.73
CA ALA B 51 -28.50 -21.40 27.01
C ALA B 51 -27.41 -21.09 28.03
N GLY B 52 -27.13 -19.80 28.19
CA GLY B 52 -26.26 -19.32 29.24
C GLY B 52 -24.78 -19.53 29.02
N LYS B 53 -24.36 -19.91 27.82
CA LYS B 53 -22.96 -20.18 27.56
C LYS B 53 -22.50 -19.44 26.31
N GLN B 54 -21.27 -18.92 26.37
CA GLN B 54 -20.59 -18.53 25.15
C GLN B 54 -20.16 -19.79 24.40
N LEU B 55 -20.35 -19.80 23.08
CA LEU B 55 -20.03 -20.97 22.27
C LEU B 55 -18.59 -20.86 21.78
N GLU B 56 -17.83 -21.94 21.93
CA GLU B 56 -16.42 -21.95 21.54
C GLU B 56 -16.26 -22.38 20.09
N ASP B 57 -15.31 -21.73 19.39
CA ASP B 57 -15.16 -21.89 17.95
C ASP B 57 -14.91 -23.34 17.54
N GLY B 58 -14.05 -24.05 18.29
CA GLY B 58 -13.67 -25.39 17.91
C GLY B 58 -14.76 -26.44 18.10
N ARG B 59 -15.80 -26.14 18.86
CA ARG B 59 -16.81 -27.13 19.20
C ARG B 59 -17.94 -27.14 18.16
N THR B 60 -18.70 -28.23 18.15
CA THR B 60 -19.78 -28.40 17.18
C THR B 60 -21.15 -28.12 17.79
N LEU B 61 -22.16 -28.07 16.92
CA LEU B 61 -23.52 -27.79 17.34
C LEU B 61 -24.09 -28.92 18.18
N SER B 62 -23.87 -30.18 17.75
CA SER B 62 -24.30 -31.31 18.54
C SER B 62 -23.49 -31.44 19.82
N ASP B 63 -22.30 -30.83 19.88
CA ASP B 63 -21.58 -30.74 21.14
C ASP B 63 -22.37 -29.95 22.17
N TYR B 64 -22.95 -28.82 21.75
CA TYR B 64 -23.76 -27.98 22.63
C TYR B 64 -25.22 -28.40 22.66
N ASN B 65 -25.56 -29.53 22.03
CA ASN B 65 -26.94 -30.02 21.96
C ASN B 65 -27.88 -28.98 21.37
N ILE B 66 -27.43 -28.38 20.27
CA ILE B 66 -28.19 -27.36 19.54
C ILE B 66 -28.98 -28.08 18.45
N GLN B 67 -30.30 -28.06 18.56
CA GLN B 67 -31.17 -28.88 17.74
C GLN B 67 -31.75 -28.05 16.59
N LYS B 68 -32.49 -28.73 15.71
CA LYS B 68 -33.22 -28.04 14.65
C LYS B 68 -34.09 -26.94 15.23
N GLU B 69 -34.03 -25.76 14.62
CA GLU B 69 -34.83 -24.60 14.99
C GLU B 69 -34.48 -24.05 16.38
N SER B 70 -33.27 -24.33 16.88
CA SER B 70 -32.72 -23.62 18.02
C SER B 70 -32.44 -22.16 17.65
N THR B 71 -32.38 -21.32 18.67
CA THR B 71 -32.11 -19.88 18.49
C THR B 71 -30.86 -19.50 19.29
N LEU B 72 -29.83 -19.03 18.58
CA LEU B 72 -28.61 -18.51 19.16
C LEU B 72 -28.64 -16.99 19.14
N HIS B 73 -27.83 -16.38 20.00
CA HIS B 73 -27.81 -14.94 20.15
C HIS B 73 -26.43 -14.40 19.82
N LEU B 74 -26.41 -13.45 18.90
CA LEU B 74 -25.17 -12.83 18.42
C LEU B 74 -24.91 -11.57 19.22
N VAL B 75 -23.71 -11.47 19.81
CA VAL B 75 -23.30 -10.32 20.59
C VAL B 75 -22.04 -9.69 20.00
N PRO B 82 -10.77 1.20 29.05
CA PRO B 82 -12.20 1.24 28.75
C PRO B 82 -13.03 1.96 29.83
N GLY B 83 -12.39 2.43 30.90
CA GLY B 83 -13.07 3.18 31.95
C GLY B 83 -12.68 4.65 31.96
N GLY B 84 -13.65 5.53 31.77
CA GLY B 84 -13.36 6.91 31.41
C GLY B 84 -13.17 7.15 29.92
N SER B 85 -13.28 6.12 29.10
CA SER B 85 -13.04 6.25 27.67
C SER B 85 -14.18 7.04 27.02
N MET B 86 -13.92 7.47 25.80
CA MET B 86 -14.94 8.04 24.94
C MET B 86 -15.74 6.91 24.29
N THR B 87 -17.02 7.14 24.06
CA THR B 87 -17.76 6.22 23.20
C THR B 87 -17.20 6.34 21.77
N VAL B 88 -17.56 5.39 20.90
CA VAL B 88 -17.00 5.46 19.55
C VAL B 88 -17.50 6.71 18.85
N GLU B 89 -18.76 7.10 19.11
CA GLU B 89 -19.28 8.30 18.47
C GLU B 89 -18.60 9.57 18.98
N GLU B 90 -18.36 9.64 20.30
CA GLU B 90 -17.67 10.80 20.89
C GLU B 90 -16.25 10.91 20.36
N MET B 91 -15.54 9.79 20.26
CA MET B 91 -14.21 9.76 19.65
C MET B 91 -14.24 10.28 18.21
N ASP B 92 -15.17 9.77 17.41
CA ASP B 92 -15.26 10.21 16.00
C ASP B 92 -15.54 11.71 15.91
N SER B 93 -16.52 12.20 16.68
CA SER B 93 -16.80 13.65 16.69
C SER B 93 -15.58 14.45 17.08
N TRP B 94 -14.81 13.97 18.05
CA TRP B 94 -13.62 14.70 18.50
C TRP B 94 -12.60 14.84 17.38
N ILE B 95 -12.26 13.72 16.75
CA ILE B 95 -11.31 13.73 15.65
C ILE B 95 -11.79 14.62 14.52
N LYS B 96 -13.11 14.59 14.25
CA LYS B 96 -13.66 15.46 13.20
C LYS B 96 -13.37 16.92 13.52
N SER B 97 -13.54 17.31 14.79
CA SER B 97 -13.36 18.70 15.18
C SER B 97 -11.91 19.15 15.09
N TRP B 98 -10.95 18.23 14.98
CA TRP B 98 -9.56 18.63 14.78
C TRP B 98 -9.41 19.50 13.54
N ASP B 99 -10.30 19.34 12.56
CA ASP B 99 -10.17 20.04 11.29
C ASP B 99 -11.03 21.27 11.21
N GLN B 100 -11.64 21.68 12.32
CA GLN B 100 -12.38 22.96 12.37
C GLN B 100 -11.46 24.11 12.00
N MET B 101 -11.95 25.00 11.14
CA MET B 101 -11.21 26.17 10.73
C MET B 101 -11.76 27.42 11.41
N PRO C 4 -13.04 -35.70 -2.50
CA PRO C 4 -12.97 -36.94 -1.72
C PRO C 4 -13.63 -38.13 -2.42
N GLY C 5 -14.93 -38.05 -2.71
CA GLY C 5 -15.64 -39.19 -3.26
C GLY C 5 -15.32 -39.44 -4.72
N THR C 6 -15.56 -40.68 -5.15
CA THR C 6 -15.31 -41.07 -6.53
C THR C 6 -16.19 -40.27 -7.49
N VAL C 7 -15.72 -40.13 -8.72
CA VAL C 7 -16.35 -39.29 -9.74
C VAL C 7 -16.89 -40.20 -10.84
N ASP C 8 -18.21 -40.39 -10.86
CA ASP C 8 -18.86 -41.09 -11.97
C ASP C 8 -19.40 -40.07 -12.97
N LYS C 9 -19.91 -40.59 -14.09
CA LYS C 9 -20.40 -39.72 -15.15
C LYS C 9 -21.56 -38.85 -14.67
N LYS C 10 -22.44 -39.43 -13.84
CA LYS C 10 -23.57 -38.67 -13.31
C LYS C 10 -23.10 -37.43 -12.56
N MET C 11 -21.97 -37.53 -11.86
CA MET C 11 -21.49 -36.37 -11.12
C MET C 11 -20.96 -35.29 -12.05
N VAL C 12 -20.26 -35.68 -13.13
CA VAL C 12 -19.81 -34.71 -14.11
C VAL C 12 -20.99 -34.02 -14.75
N GLU C 13 -22.08 -34.76 -14.98
CA GLU C 13 -23.26 -34.16 -15.58
C GLU C 13 -23.93 -33.18 -14.63
N LYS C 14 -23.94 -33.49 -13.33
CA LYS C 14 -24.46 -32.55 -12.35
C LYS C 14 -23.65 -31.26 -12.38
N CYS C 15 -22.31 -31.37 -12.36
CA CYS C 15 -21.47 -30.17 -12.40
C CYS C 15 -21.74 -29.36 -13.66
N TRP C 16 -21.82 -30.02 -14.81
CA TRP C 16 -22.18 -29.32 -16.05
C TRP C 16 -23.48 -28.55 -15.89
N LYS C 17 -24.49 -29.17 -15.26
CA LYS C 17 -25.77 -28.48 -15.11
C LYS C 17 -25.64 -27.29 -14.18
N LEU C 18 -24.83 -27.42 -13.12
CA LEU C 18 -24.60 -26.28 -12.23
C LEU C 18 -23.87 -25.17 -12.95
N MET C 19 -22.85 -25.51 -13.74
CA MET C 19 -22.14 -24.51 -14.52
C MET C 19 -23.09 -23.78 -15.46
N ASP C 20 -24.03 -24.51 -16.08
CA ASP C 20 -24.99 -23.90 -16.99
C ASP C 20 -25.81 -22.84 -16.26
N LYS C 21 -26.23 -23.12 -15.03
CA LYS C 21 -27.07 -22.17 -14.30
C LYS C 21 -26.25 -20.95 -13.90
N VAL C 22 -24.97 -21.14 -13.58
CA VAL C 22 -24.12 -19.98 -13.32
C VAL C 22 -24.00 -19.13 -14.56
N VAL C 23 -23.75 -19.76 -15.72
CA VAL C 23 -23.69 -19.04 -16.98
C VAL C 23 -24.96 -18.23 -17.20
N ARG C 24 -26.12 -18.84 -16.95
CA ARG C 24 -27.38 -18.14 -17.21
C ARG C 24 -27.57 -16.97 -16.25
N LEU C 25 -27.16 -17.15 -14.99
CA LEU C 25 -27.23 -16.05 -14.03
C LEU C 25 -26.34 -14.89 -14.47
N CYS C 26 -25.13 -15.21 -14.95
CA CYS C 26 -24.17 -14.18 -15.35
C CYS C 26 -24.48 -13.59 -16.71
N GLN C 27 -25.46 -14.11 -17.43
CA GLN C 27 -25.91 -13.48 -18.68
C GLN C 27 -26.90 -12.37 -18.44
N ASN C 28 -27.21 -12.04 -17.19
CA ASN C 28 -28.17 -10.98 -16.88
C ASN C 28 -27.64 -9.64 -17.42
N PRO C 29 -28.36 -8.97 -18.32
CA PRO C 29 -27.87 -7.67 -18.81
C PRO C 29 -27.64 -6.67 -17.70
N LYS C 30 -28.47 -6.69 -16.65
CA LYS C 30 -28.30 -5.78 -15.54
C LYS C 30 -26.97 -5.97 -14.83
N LEU C 31 -26.27 -7.07 -15.10
CA LEU C 31 -24.95 -7.29 -14.51
C LEU C 31 -23.88 -6.40 -15.16
N ALA C 32 -23.97 -6.21 -16.47
CA ALA C 32 -22.99 -5.44 -17.24
C ALA C 32 -21.57 -5.94 -16.97
N LEU C 33 -21.36 -7.22 -17.24
CA LEU C 33 -20.06 -7.83 -16.99
C LEU C 33 -18.99 -7.20 -17.88
N LYS C 34 -17.85 -6.87 -17.28
CA LYS C 34 -16.76 -6.29 -18.03
C LYS C 34 -16.17 -7.32 -18.99
N ASN C 35 -15.84 -6.88 -20.21
CA ASN C 35 -15.24 -7.78 -21.20
C ASN C 35 -13.72 -7.76 -21.03
N SER C 36 -13.26 -8.49 -20.01
CA SER C 36 -11.84 -8.60 -19.74
C SER C 36 -11.61 -9.80 -18.82
N PRO C 37 -10.39 -10.35 -18.78
CA PRO C 37 -10.22 -11.52 -17.90
C PRO C 37 -10.20 -11.09 -16.43
N PRO C 38 -10.70 -11.93 -15.53
CA PRO C 38 -11.32 -13.24 -15.79
C PRO C 38 -12.76 -13.12 -16.28
N TYR C 39 -13.12 -13.84 -17.33
CA TYR C 39 -14.43 -13.70 -17.98
C TYR C 39 -15.20 -14.99 -17.75
N ILE C 40 -16.06 -14.98 -16.73
CA ILE C 40 -16.76 -16.20 -16.33
C ILE C 40 -17.57 -16.79 -17.48
N LEU C 41 -18.04 -15.97 -18.42
CA LEU C 41 -18.86 -16.49 -19.50
C LEU C 41 -18.04 -17.26 -20.52
N ASP C 42 -16.73 -17.06 -20.57
CA ASP C 42 -15.85 -17.94 -21.34
C ASP C 42 -15.27 -19.06 -20.47
N LEU C 43 -15.01 -18.79 -19.20
CA LEU C 43 -14.24 -19.75 -18.40
C LEU C 43 -15.06 -21.00 -18.13
N LEU C 44 -16.36 -20.83 -17.85
CA LEU C 44 -17.18 -22.01 -17.57
C LEU C 44 -17.37 -22.87 -18.82
N PRO C 45 -17.70 -22.33 -20.00
CA PRO C 45 -17.76 -23.20 -21.20
C PRO C 45 -16.43 -23.84 -21.54
N ASP C 46 -15.33 -23.12 -21.35
CA ASP C 46 -14.01 -23.70 -21.56
C ASP C 46 -13.74 -24.83 -20.58
N THR C 47 -14.28 -24.72 -19.36
CA THR C 47 -14.08 -25.78 -18.38
C THR C 47 -14.88 -27.02 -18.75
N TYR C 48 -16.16 -26.83 -19.08
CA TYR C 48 -16.95 -27.90 -19.69
C TYR C 48 -16.19 -28.59 -20.83
N GLN C 49 -15.59 -27.80 -21.73
CA GLN C 49 -14.98 -28.38 -22.93
C GLN C 49 -13.76 -29.21 -22.56
N HIS C 50 -12.95 -28.73 -21.61
CA HIS C 50 -11.76 -29.51 -21.25
C HIS C 50 -12.14 -30.79 -20.52
N LEU C 51 -13.17 -30.73 -19.68
CA LEU C 51 -13.71 -31.94 -19.07
C LEU C 51 -14.20 -32.91 -20.13
N ARG C 52 -14.92 -32.42 -21.15
CA ARG C 52 -15.31 -33.29 -22.26
C ARG C 52 -14.08 -33.94 -22.88
N THR C 53 -13.01 -33.16 -23.04
CA THR C 53 -11.79 -33.67 -23.63
C THR C 53 -11.20 -34.78 -22.77
N ILE C 54 -11.15 -34.55 -21.44
CA ILE C 54 -10.63 -35.56 -20.52
C ILE C 54 -11.44 -36.84 -20.63
N LEU C 55 -12.77 -36.72 -20.61
CA LEU C 55 -13.61 -37.90 -20.67
C LEU C 55 -13.32 -38.73 -21.91
N SER C 56 -13.08 -38.07 -23.05
CA SER C 56 -12.84 -38.80 -24.29
C SER C 56 -11.48 -39.48 -24.30
N ARG C 57 -10.51 -39.00 -23.54
CA ARG C 57 -9.26 -39.73 -23.41
C ARG C 57 -9.43 -41.03 -22.64
N TYR C 58 -10.48 -41.14 -21.82
CA TYR C 58 -10.68 -42.28 -20.93
C TYR C 58 -11.92 -43.09 -21.29
N GLU C 59 -12.34 -43.05 -22.54
CA GLU C 59 -13.52 -43.81 -22.98
C GLU C 59 -13.34 -45.31 -22.78
N LYS C 61 -9.98 -46.24 -19.09
CA LYS C 61 -11.23 -46.59 -18.44
C LYS C 61 -11.74 -45.44 -17.58
N MET C 62 -13.06 -45.21 -17.60
CA MET C 62 -13.66 -44.21 -16.73
C MET C 62 -13.58 -44.63 -15.26
N GLU C 63 -13.42 -45.93 -14.98
CA GLU C 63 -13.10 -46.36 -13.63
C GLU C 63 -11.80 -45.73 -13.15
N THR C 64 -10.76 -45.80 -13.99
CA THR C 64 -9.47 -45.25 -13.63
C THR C 64 -9.57 -43.75 -13.37
N LEU C 65 -10.10 -43.00 -14.33
CA LEU C 65 -10.18 -41.55 -14.20
C LEU C 65 -10.97 -41.14 -12.97
N GLY C 66 -12.03 -41.88 -12.63
CA GLY C 66 -12.87 -41.51 -11.50
C GLY C 66 -12.22 -41.73 -10.15
N GLU C 67 -11.19 -42.58 -10.08
CA GLU C 67 -10.47 -42.84 -8.84
C GLU C 67 -9.29 -41.90 -8.63
N ASN C 68 -8.86 -41.18 -9.66
CA ASN C 68 -7.71 -40.29 -9.56
C ASN C 68 -7.94 -39.24 -8.48
N GLU C 69 -6.99 -39.14 -7.54
CA GLU C 69 -7.19 -38.29 -6.36
C GLU C 69 -7.31 -36.81 -6.73
N TYR C 70 -6.47 -36.33 -7.63
CA TYR C 70 -6.57 -34.92 -8.00
C TYR C 70 -7.93 -34.63 -8.63
N PHE C 71 -8.37 -35.52 -9.55
CA PHE C 71 -9.65 -35.32 -10.23
C PHE C 71 -10.82 -35.37 -9.25
N ARG C 72 -10.75 -36.25 -8.25
CA ARG C 72 -11.79 -36.25 -7.22
C ARG C 72 -11.83 -34.90 -6.49
N VAL C 73 -10.67 -34.39 -6.08
CA VAL C 73 -10.63 -33.12 -5.36
C VAL C 73 -11.10 -31.99 -6.26
N PHE C 74 -10.67 -32.00 -7.52
CA PHE C 74 -11.04 -30.93 -8.45
C PHE C 74 -12.55 -30.90 -8.67
N MET C 75 -13.16 -32.06 -8.91
CA MET C 75 -14.58 -32.09 -9.19
C MET C 75 -15.40 -31.70 -7.96
N GLU C 76 -14.97 -32.12 -6.77
CA GLU C 76 -15.63 -31.67 -5.55
C GLU C 76 -15.58 -30.15 -5.43
N ASN C 77 -14.43 -29.54 -5.70
CA ASN C 77 -14.33 -28.09 -5.59
C ASN C 77 -15.17 -27.40 -6.65
N LEU C 78 -15.18 -27.93 -7.88
CA LEU C 78 -15.99 -27.35 -8.94
C LEU C 78 -17.46 -27.33 -8.54
N MET C 79 -17.96 -28.44 -8.00
CA MET C 79 -19.35 -28.49 -7.54
C MET C 79 -19.58 -27.52 -6.40
N LYS C 80 -18.65 -27.46 -5.45
CA LYS C 80 -18.76 -26.52 -4.34
C LYS C 80 -18.77 -25.08 -4.85
N LYS C 81 -17.84 -24.73 -5.75
CA LYS C 81 -17.71 -23.34 -6.17
C LYS C 81 -18.89 -22.88 -7.02
N THR C 82 -19.43 -23.76 -7.88
CA THR C 82 -20.56 -23.30 -8.69
C THR C 82 -21.80 -23.12 -7.81
N LYS C 83 -22.05 -24.05 -6.88
CA LYS C 83 -23.13 -23.88 -5.92
C LYS C 83 -22.96 -22.60 -5.11
N GLN C 84 -21.73 -22.29 -4.72
CA GLN C 84 -21.48 -21.04 -3.99
C GLN C 84 -21.87 -19.83 -4.84
N THR C 85 -21.52 -19.84 -6.11
CA THR C 85 -21.88 -18.73 -6.98
C THR C 85 -23.40 -18.59 -7.08
N ILE C 86 -24.10 -19.72 -7.20
CA ILE C 86 -25.55 -19.67 -7.32
C ILE C 86 -26.17 -19.08 -6.06
N SER C 87 -25.68 -19.48 -4.88
CA SER C 87 -26.19 -18.91 -3.64
C SER C 87 -25.90 -17.42 -3.57
N LEU C 88 -24.74 -17.01 -4.07
CA LEU C 88 -24.35 -15.60 -4.06
C LEU C 88 -25.38 -14.73 -4.75
N PHE C 89 -25.87 -15.16 -5.93
CA PHE C 89 -26.91 -14.40 -6.62
C PHE C 89 -28.22 -14.38 -5.85
N LYS C 90 -28.64 -15.53 -5.30
CA LYS C 90 -29.91 -15.54 -4.58
C LYS C 90 -29.84 -14.68 -3.33
N GLU C 91 -28.73 -14.78 -2.58
CA GLU C 91 -28.59 -13.95 -1.39
C GLU C 91 -28.40 -12.48 -1.75
N GLY C 92 -27.65 -12.20 -2.82
CA GLY C 92 -27.31 -10.83 -3.14
C GLY C 92 -28.46 -10.05 -3.76
N LYS C 93 -29.38 -10.74 -4.44
CA LYS C 93 -30.57 -10.13 -5.03
C LYS C 93 -30.14 -8.91 -5.86
N GLU C 94 -30.79 -7.77 -5.72
CA GLU C 94 -30.51 -6.59 -6.54
C GLU C 94 -29.14 -5.98 -6.23
N ARG C 95 -28.53 -6.32 -5.09
CA ARG C 95 -27.21 -5.79 -4.80
C ARG C 95 -26.16 -6.31 -5.77
N MET C 96 -26.44 -7.41 -6.48
CA MET C 96 -25.48 -7.95 -7.44
C MET C 96 -25.18 -6.97 -8.57
N TYR C 97 -26.05 -5.99 -8.81
CA TYR C 97 -25.89 -5.05 -9.90
C TYR C 97 -25.32 -3.71 -9.45
N GLU C 98 -24.87 -3.63 -8.20
CA GLU C 98 -24.13 -2.47 -7.69
C GLU C 98 -22.68 -2.88 -7.50
N GLU C 99 -21.76 -2.12 -8.12
CA GLU C 99 -20.37 -2.56 -8.24
C GLU C 99 -19.68 -2.60 -6.88
N ASN C 100 -20.00 -1.68 -5.99
CA ASN C 100 -19.37 -1.61 -4.68
C ASN C 100 -19.90 -2.63 -3.70
N SER C 101 -20.78 -3.54 -4.13
CA SER C 101 -21.47 -4.39 -3.18
C SER C 101 -20.62 -5.60 -2.79
N GLN C 102 -20.87 -6.10 -1.57
CA GLN C 102 -20.23 -7.34 -1.17
C GLN C 102 -20.58 -8.50 -2.09
N PRO C 103 -21.84 -8.68 -2.51
CA PRO C 103 -22.13 -9.74 -3.50
C PRO C 103 -21.31 -9.61 -4.77
N ARG C 104 -21.24 -8.41 -5.35
CA ARG C 104 -20.50 -8.23 -6.60
C ARG C 104 -19.00 -8.45 -6.39
N ARG C 105 -18.45 -7.89 -5.31
CA ARG C 105 -17.06 -8.17 -4.96
C ARG C 105 -16.80 -9.68 -4.90
N ASN C 106 -17.73 -10.44 -4.32
CA ASN C 106 -17.52 -11.88 -4.20
C ASN C 106 -17.59 -12.56 -5.55
N LEU C 107 -18.45 -12.09 -6.45
CA LEU C 107 -18.51 -12.65 -7.81
C LEU C 107 -17.19 -12.46 -8.54
N THR C 108 -16.61 -11.27 -8.40
CA THR C 108 -15.28 -11.01 -8.96
C THR C 108 -14.27 -12.01 -8.41
N LYS C 109 -14.28 -12.22 -7.09
CA LYS C 109 -13.37 -13.18 -6.47
C LYS C 109 -13.59 -14.58 -7.05
N LEU C 110 -14.85 -15.00 -7.17
CA LEU C 110 -15.13 -16.33 -7.70
C LEU C 110 -14.72 -16.43 -9.17
N SER C 111 -14.84 -15.34 -9.93
CA SER C 111 -14.44 -15.39 -11.34
C SER C 111 -12.95 -15.69 -11.47
N LEU C 112 -12.13 -15.13 -10.57
CA LEU C 112 -10.71 -15.44 -10.59
C LEU C 112 -10.46 -16.89 -10.22
N ILE C 113 -11.19 -17.41 -9.22
CA ILE C 113 -11.03 -18.79 -8.79
C ILE C 113 -11.36 -19.75 -9.92
N PHE C 114 -12.44 -19.49 -10.66
CA PHE C 114 -12.72 -20.34 -11.83
C PHE C 114 -11.59 -20.26 -12.85
N SER C 115 -11.01 -19.07 -13.04
CA SER C 115 -9.86 -18.96 -13.93
C SER C 115 -8.71 -19.84 -13.45
N HIS C 116 -8.39 -19.74 -12.14
CA HIS C 116 -7.28 -20.55 -11.61
C HIS C 116 -7.58 -22.03 -11.74
N MET C 117 -8.84 -22.42 -11.53
CA MET C 117 -9.22 -23.82 -11.62
C MET C 117 -9.02 -24.36 -13.03
N LEU C 118 -9.40 -23.59 -14.05
CA LEU C 118 -9.20 -24.07 -15.42
C LEU C 118 -7.71 -24.15 -15.75
N ALA C 119 -6.92 -23.14 -15.33
CA ALA C 119 -5.48 -23.20 -15.56
C ALA C 119 -4.87 -24.44 -14.92
N GLU C 120 -5.31 -24.76 -13.71
CA GLU C 120 -4.78 -25.91 -12.98
C GLU C 120 -5.16 -27.22 -13.67
N LEU C 121 -6.43 -27.35 -14.04
CA LEU C 121 -6.88 -28.55 -14.73
C LEU C 121 -6.12 -28.77 -16.03
N LYS C 122 -5.93 -27.69 -16.79
CA LYS C 122 -5.14 -27.80 -18.03
C LYS C 122 -3.68 -28.11 -17.72
N GLY C 123 -3.18 -27.66 -16.57
CA GLY C 123 -1.81 -27.99 -16.20
C GLY C 123 -1.65 -29.45 -15.85
N ILE C 124 -2.65 -30.03 -15.18
CA ILE C 124 -2.55 -31.43 -14.78
C ILE C 124 -3.00 -32.37 -15.91
N PHE C 125 -3.95 -31.95 -16.75
CA PHE C 125 -4.44 -32.74 -17.90
C PHE C 125 -4.13 -32.02 -19.21
N PRO C 126 -2.85 -31.86 -19.56
CA PRO C 126 -2.50 -30.96 -20.69
C PRO C 126 -3.16 -31.31 -22.01
N SER C 127 -3.31 -32.59 -22.32
CA SER C 127 -4.01 -32.97 -23.55
C SER C 127 -5.20 -33.86 -23.22
N GLY C 128 -5.79 -33.66 -22.04
CA GLY C 128 -6.88 -34.48 -21.55
C GLY C 128 -6.44 -35.71 -20.80
N LEU C 129 -5.16 -36.04 -20.84
CA LEU C 129 -4.58 -37.20 -20.18
C LEU C 129 -3.96 -36.76 -18.86
N PHE C 130 -4.20 -37.52 -17.79
CA PHE C 130 -3.62 -37.17 -16.50
C PHE C 130 -2.10 -37.21 -16.58
N GLN C 131 -1.45 -36.10 -16.19
CA GLN C 131 0.00 -36.04 -16.20
C GLN C 131 0.54 -35.42 -14.91
N GLY C 132 -0.25 -35.42 -13.84
CA GLY C 132 0.20 -34.80 -12.59
C GLY C 132 1.43 -35.46 -12.02
N ASP C 133 1.55 -36.78 -12.15
CA ASP C 133 2.69 -37.44 -11.53
C ASP C 133 3.99 -37.20 -12.28
N THR C 134 3.94 -36.60 -13.47
CA THR C 134 5.14 -36.19 -14.18
C THR C 134 5.26 -34.68 -14.31
N PHE C 135 4.42 -33.93 -13.61
CA PHE C 135 4.47 -32.48 -13.67
C PHE C 135 5.86 -31.97 -13.30
N ARG C 136 6.41 -31.06 -14.11
CA ARG C 136 7.77 -30.55 -13.90
C ARG C 136 7.71 -29.20 -13.18
N ILE C 137 8.02 -29.22 -11.88
CA ILE C 137 8.12 -27.96 -11.12
C ILE C 137 9.27 -27.13 -11.67
N THR C 138 9.01 -25.85 -11.90
CA THR C 138 9.95 -25.01 -12.66
C THR C 138 11.27 -24.80 -11.93
N LYS C 139 11.22 -24.41 -10.65
CA LYS C 139 12.43 -24.05 -9.90
C LYS C 139 13.03 -25.27 -9.21
N ALA C 140 14.31 -25.53 -9.48
CA ALA C 140 14.95 -26.76 -9.00
C ALA C 140 14.83 -26.93 -7.48
N ASP C 141 15.11 -25.87 -6.70
CA ASP C 141 15.08 -26.05 -5.25
C ASP C 141 13.66 -26.36 -4.78
N ALA C 142 12.66 -25.72 -5.39
CA ALA C 142 11.28 -26.05 -5.09
C ALA C 142 10.93 -27.48 -5.45
N ALA C 143 11.38 -27.94 -6.62
CA ALA C 143 11.07 -29.31 -7.01
C ALA C 143 11.69 -30.31 -6.04
N GLU C 144 12.91 -30.06 -5.57
CA GLU C 144 13.52 -31.02 -4.66
C GLU C 144 12.72 -31.08 -3.37
N PHE C 145 12.20 -29.95 -2.89
CA PHE C 145 11.38 -29.98 -1.68
C PHE C 145 10.14 -30.83 -1.89
N TRP C 146 9.44 -30.62 -3.00
CA TRP C 146 8.20 -31.35 -3.22
C TRP C 146 8.44 -32.83 -3.36
N ARG C 147 9.56 -33.21 -3.98
CA ARG C 147 9.84 -34.62 -4.18
C ARG C 147 10.21 -35.29 -2.85
N LYS C 148 11.02 -34.64 -2.02
CA LYS C 148 11.38 -35.22 -0.74
C LYS C 148 10.16 -35.33 0.16
N ALA C 149 9.31 -34.30 0.18
CA ALA C 149 8.14 -34.31 1.03
C ALA C 149 7.05 -35.21 0.47
N PHE C 150 6.74 -35.08 -0.82
CA PHE C 150 5.53 -35.67 -1.35
C PHE C 150 5.76 -36.64 -2.52
N GLY C 151 7.00 -36.84 -2.95
CA GLY C 151 7.25 -37.79 -4.02
C GLY C 151 6.58 -37.37 -5.31
N GLU C 152 5.82 -38.30 -5.89
CA GLU C 152 5.12 -38.09 -7.15
C GLU C 152 3.71 -37.56 -6.97
N LYS C 153 3.30 -37.24 -5.74
CA LYS C 153 1.94 -36.76 -5.50
C LYS C 153 1.64 -35.50 -6.29
N THR C 154 0.40 -35.41 -6.78
CA THR C 154 -0.12 -34.23 -7.45
C THR C 154 -0.82 -33.26 -6.51
N ILE C 155 -1.39 -33.72 -5.40
CA ILE C 155 -2.14 -32.81 -4.54
C ILE C 155 -2.04 -33.30 -3.11
N VAL C 156 -1.92 -32.36 -2.18
CA VAL C 156 -1.84 -32.72 -0.76
C VAL C 156 -2.73 -31.81 0.08
N PRO C 157 -3.30 -32.30 1.18
CA PRO C 157 -4.10 -31.42 2.01
C PRO C 157 -3.26 -30.30 2.58
N TRP C 158 -3.92 -29.16 2.84
CA TRP C 158 -3.19 -27.99 3.34
C TRP C 158 -2.41 -28.33 4.61
N LYS C 159 -3.01 -29.08 5.52
CA LYS C 159 -2.32 -29.39 6.78
C LYS C 159 -1.03 -30.15 6.51
N SER C 160 -1.06 -31.11 5.56
CA SER C 160 0.15 -31.84 5.19
C SER C 160 1.19 -30.91 4.60
N PHE C 161 0.77 -30.00 3.71
CA PHE C 161 1.72 -29.10 3.08
C PHE C 161 2.34 -28.15 4.10
N ARG C 162 1.51 -27.52 4.93
CA ARG C 162 2.01 -26.62 5.96
C ARG C 162 3.05 -27.29 6.84
N GLN C 163 2.77 -28.53 7.28
CA GLN C 163 3.69 -29.21 8.18
C GLN C 163 5.00 -29.52 7.49
N ALA C 164 4.95 -29.92 6.21
CA ALA C 164 6.18 -30.20 5.48
C ALA C 164 6.99 -28.93 5.24
N LEU C 165 6.31 -27.83 4.89
CA LEU C 165 7.02 -26.58 4.62
C LEU C 165 7.65 -26.03 5.91
N HIS C 166 6.95 -26.16 7.03
CA HIS C 166 7.43 -25.63 8.29
C HIS C 166 8.75 -26.28 8.71
N GLU C 167 9.00 -27.52 8.28
CA GLU C 167 10.27 -28.18 8.56
C GLU C 167 11.44 -27.48 7.88
N VAL C 168 11.18 -26.72 6.83
CA VAL C 168 12.23 -26.15 5.99
C VAL C 168 12.23 -24.63 6.09
N HIS C 169 11.04 -24.02 6.07
CA HIS C 169 10.86 -22.58 6.22
C HIS C 169 9.87 -22.42 7.38
N PRO C 170 10.35 -22.28 8.60
CA PRO C 170 9.45 -22.16 9.75
C PRO C 170 8.38 -21.09 9.53
N ILE C 171 7.14 -21.46 9.82
CA ILE C 171 5.98 -20.57 9.79
C ILE C 171 5.67 -20.19 11.24
N SER C 172 5.74 -18.88 11.55
CA SER C 172 5.87 -18.49 12.96
C SER C 172 4.56 -18.60 13.74
N SER C 173 3.39 -18.59 13.09
CA SER C 173 2.15 -18.52 13.85
C SER C 173 0.98 -19.03 13.02
N GLY C 174 -0.14 -19.29 13.68
CA GLY C 174 -1.35 -19.61 12.96
C GLY C 174 -1.77 -18.49 12.02
N LEU C 175 -1.58 -17.25 12.46
CA LEU C 175 -1.91 -16.07 11.65
C LEU C 175 -1.09 -16.06 10.36
N GLU C 176 0.22 -16.30 10.46
CA GLU C 176 1.02 -16.27 9.24
C GLU C 176 0.69 -17.45 8.33
N ALA C 177 0.34 -18.60 8.90
CA ALA C 177 -0.03 -19.74 8.07
C ALA C 177 -1.32 -19.46 7.30
N MET C 178 -2.29 -18.79 7.92
CA MET C 178 -3.53 -18.49 7.21
C MET C 178 -3.30 -17.47 6.10
N ALA C 179 -2.46 -16.47 6.32
CA ALA C 179 -2.09 -15.54 5.25
C ALA C 179 -1.39 -16.25 4.12
N LEU C 180 -0.45 -17.14 4.43
CA LEU C 180 0.23 -17.90 3.39
C LEU C 180 -0.77 -18.72 2.59
N LYS C 181 -1.68 -19.40 3.30
CA LYS C 181 -2.66 -20.24 2.61
C LYS C 181 -3.47 -19.41 1.62
N SER C 182 -3.82 -18.18 2.01
CA SER C 182 -4.60 -17.33 1.14
C SER C 182 -3.87 -17.04 -0.17
N THR C 183 -2.55 -16.91 -0.11
CA THR C 183 -1.79 -16.68 -1.36
C THR C 183 -1.63 -17.95 -2.19
N ILE C 184 -1.24 -19.07 -1.58
CA ILE C 184 -0.89 -20.23 -2.38
C ILE C 184 -2.11 -21.06 -2.82
N ASP C 185 -3.17 -21.11 -2.00
CA ASP C 185 -4.36 -21.92 -2.29
C ASP C 185 -5.25 -21.17 -3.29
N LEU C 186 -4.79 -21.14 -4.55
CA LEU C 186 -5.47 -20.36 -5.58
C LEU C 186 -6.90 -20.85 -5.83
N THR C 187 -7.12 -22.17 -5.81
CA THR C 187 -8.43 -22.70 -6.13
C THR C 187 -9.33 -22.80 -4.89
N CYS C 188 -8.82 -22.36 -3.73
CA CYS C 188 -9.60 -22.27 -2.49
C CYS C 188 -10.31 -23.57 -2.14
N ASN C 189 -9.56 -24.67 -2.11
CA ASN C 189 -10.14 -25.97 -1.80
C ASN C 189 -9.45 -26.65 -0.62
N ASP C 190 -8.61 -25.94 0.12
CA ASP C 190 -7.87 -26.48 1.27
C ASP C 190 -6.91 -27.60 0.89
N TYR C 191 -6.49 -27.64 -0.37
CA TYR C 191 -5.41 -28.51 -0.81
C TYR C 191 -4.37 -27.67 -1.52
N ILE C 192 -3.16 -28.20 -1.64
CA ILE C 192 -2.12 -27.59 -2.45
C ILE C 192 -1.76 -28.59 -3.52
N SER C 193 -2.02 -28.25 -4.78
CA SER C 193 -1.61 -29.07 -5.90
C SER C 193 -0.19 -28.72 -6.30
N VAL C 194 0.45 -29.65 -7.00
CA VAL C 194 1.79 -29.38 -7.49
C VAL C 194 1.78 -28.16 -8.43
N PHE C 195 0.67 -27.92 -9.11
CA PHE C 195 0.57 -26.75 -9.98
C PHE C 195 0.54 -25.47 -9.16
N GLU C 196 -0.31 -25.40 -8.14
CA GLU C 196 -0.31 -24.23 -7.26
C GLU C 196 1.06 -24.02 -6.63
N PHE C 197 1.73 -25.10 -6.25
CA PHE C 197 3.06 -24.97 -5.65
C PHE C 197 4.05 -24.39 -6.65
N ASP C 198 3.97 -24.84 -7.91
CA ASP C 198 4.84 -24.31 -8.96
C ASP C 198 4.66 -22.80 -9.12
N ILE C 199 3.41 -22.35 -9.17
CA ILE C 199 3.11 -20.92 -9.35
C ILE C 199 3.70 -20.11 -8.20
N PHE C 200 3.44 -20.55 -6.98
CA PHE C 200 3.91 -19.82 -5.81
C PHE C 200 5.44 -19.73 -5.79
N THR C 201 6.14 -20.84 -6.07
CA THR C 201 7.60 -20.79 -5.97
C THR C 201 8.23 -20.06 -7.16
N ARG C 202 7.56 -20.01 -8.31
CA ARG C 202 7.98 -19.09 -9.35
C ARG C 202 7.85 -17.63 -8.91
N LEU C 203 6.69 -17.26 -8.36
CA LEU C 203 6.49 -15.87 -7.96
C LEU C 203 7.45 -15.45 -6.85
N PHE C 204 7.70 -16.32 -5.87
CA PHE C 204 8.38 -15.91 -4.66
C PHE C 204 9.77 -16.54 -4.53
N GLN C 205 10.35 -16.90 -5.66
CA GLN C 205 11.77 -17.29 -5.76
C GLN C 205 12.68 -16.16 -5.27
N PRO C 206 13.88 -16.50 -4.77
CA PRO C 206 14.44 -17.85 -4.70
C PRO C 206 13.99 -18.60 -3.46
N TRP C 207 13.99 -19.94 -3.58
CA TRP C 207 13.55 -20.81 -2.49
C TRP C 207 14.26 -20.48 -1.19
N SER C 208 15.56 -20.18 -1.24
CA SER C 208 16.32 -19.96 -0.01
C SER C 208 15.72 -18.87 0.89
N SER C 209 14.94 -17.95 0.34
CA SER C 209 14.29 -16.96 1.21
C SER C 209 12.79 -16.85 0.93
N LEU C 210 12.15 -17.98 0.61
CA LEU C 210 10.78 -18.01 0.10
C LEU C 210 9.79 -17.12 0.87
N LEU C 211 9.65 -17.35 2.17
CA LEU C 211 8.59 -16.66 2.93
C LEU C 211 8.91 -15.18 3.12
N ARG C 212 10.20 -14.84 3.21
CA ARG C 212 10.61 -13.45 3.26
C ARG C 212 10.28 -12.74 1.94
N ASN C 213 10.53 -13.40 0.80
CA ASN C 213 10.14 -12.83 -0.48
C ASN C 213 8.63 -12.62 -0.53
N TRP C 214 7.87 -13.64 -0.14
CA TRP C 214 6.41 -13.55 -0.15
C TRP C 214 5.92 -12.40 0.75
N ASN C 215 6.45 -12.33 1.97
CA ASN C 215 5.99 -11.26 2.87
C ASN C 215 6.33 -9.90 2.30
N SER C 216 7.54 -9.75 1.74
CA SER C 216 8.01 -8.45 1.28
C SER C 216 7.31 -7.99 0.00
N LEU C 217 6.79 -8.92 -0.81
CA LEU C 217 6.16 -8.53 -2.06
C LEU C 217 4.63 -8.50 -1.99
N ALA C 218 3.99 -9.49 -1.37
CA ALA C 218 2.54 -9.62 -1.43
C ALA C 218 1.82 -9.16 -0.16
N VAL C 219 2.55 -8.80 0.89
CA VAL C 219 1.94 -8.41 2.17
C VAL C 219 2.30 -6.99 2.57
N THR C 220 3.58 -6.64 2.46
CA THR C 220 4.05 -5.38 3.02
C THR C 220 4.63 -4.46 1.95
N HIS C 221 4.08 -4.50 0.74
CA HIS C 221 4.57 -3.65 -0.34
C HIS C 221 3.38 -2.92 -0.95
N PRO C 222 3.27 -1.60 -0.77
CA PRO C 222 2.10 -0.90 -1.32
C PRO C 222 2.08 -0.86 -2.84
N GLY C 223 3.19 -1.22 -3.52
CA GLY C 223 3.15 -1.31 -4.97
C GLY C 223 2.41 -2.52 -5.49
N TYR C 224 2.23 -3.53 -4.66
CA TYR C 224 1.57 -4.76 -5.07
C TYR C 224 0.08 -4.54 -5.26
N MET C 225 -0.44 -4.96 -6.41
CA MET C 225 -1.87 -4.83 -6.71
C MET C 225 -2.58 -6.17 -6.91
N ALA C 226 -1.93 -7.30 -6.62
CA ALA C 226 -2.56 -8.61 -6.84
C ALA C 226 -2.96 -8.68 -8.31
N PHE C 227 -4.14 -9.22 -8.64
CA PHE C 227 -4.48 -9.49 -10.03
C PHE C 227 -5.07 -8.24 -10.66
N LEU C 228 -4.47 -7.80 -11.76
CA LEU C 228 -4.98 -6.69 -12.57
C LEU C 228 -4.78 -7.05 -14.04
N THR C 229 -5.63 -6.49 -14.91
CA THR C 229 -5.38 -6.53 -16.33
C THR C 229 -4.47 -5.36 -16.73
N TYR C 230 -3.96 -5.44 -17.98
CA TYR C 230 -3.18 -4.35 -18.54
C TYR C 230 -3.96 -3.04 -18.53
N ASP C 231 -5.22 -3.08 -18.95
CA ASP C 231 -6.04 -1.87 -18.94
C ASP C 231 -6.15 -1.32 -17.53
N GLU C 232 -6.36 -2.20 -16.54
CA GLU C 232 -6.53 -1.75 -15.17
C GLU C 232 -5.25 -1.15 -14.60
N VAL C 233 -4.08 -1.62 -15.05
CA VAL C 233 -2.81 -1.04 -14.62
C VAL C 233 -2.71 0.41 -15.09
N LYS C 234 -3.04 0.66 -16.36
CA LYS C 234 -3.06 2.02 -16.86
C LYS C 234 -4.04 2.88 -16.08
N ALA C 235 -5.23 2.36 -15.79
CA ALA C 235 -6.22 3.15 -15.06
C ALA C 235 -5.72 3.51 -13.67
N ARG C 236 -5.08 2.55 -12.97
CA ARG C 236 -4.59 2.82 -11.62
C ARG C 236 -3.50 3.90 -11.63
N LEU C 237 -2.58 3.85 -12.61
CA LEU C 237 -1.49 4.82 -12.65
C LEU C 237 -1.90 6.14 -13.28
N GLN C 238 -3.13 6.26 -13.81
CA GLN C 238 -3.55 7.48 -14.48
C GLN C 238 -3.51 8.67 -13.51
N LYS C 239 -3.84 8.44 -12.24
CA LYS C 239 -3.79 9.49 -11.22
C LYS C 239 -2.40 10.13 -11.13
N PHE C 240 -1.36 9.35 -11.41
CA PHE C 240 0.02 9.78 -11.23
C PHE C 240 0.75 9.98 -12.55
N ILE C 241 -0.01 10.23 -13.62
CA ILE C 241 0.56 10.32 -14.96
C ILE C 241 1.61 11.41 -15.04
N HIS C 242 1.50 12.43 -14.19
CA HIS C 242 2.45 13.53 -14.18
C HIS C 242 3.45 13.42 -13.05
N LYS C 243 3.58 12.24 -12.43
CA LYS C 243 4.58 12.01 -11.40
C LYS C 243 5.48 10.89 -11.90
N PRO C 244 6.53 11.23 -12.66
CA PRO C 244 7.43 10.21 -13.22
C PRO C 244 8.04 9.35 -12.12
N GLY C 245 8.18 8.05 -12.40
CA GLY C 245 8.69 7.12 -11.41
C GLY C 245 7.64 6.46 -10.54
N SER C 246 6.37 6.86 -10.66
CA SER C 246 5.32 6.12 -10.00
C SER C 246 5.16 4.75 -10.66
N TYR C 247 4.97 3.72 -9.83
CA TYR C 247 4.91 2.36 -10.38
C TYR C 247 4.02 1.48 -9.52
N ILE C 248 3.55 0.39 -10.13
CA ILE C 248 2.88 -0.71 -9.43
C ILE C 248 3.36 -2.01 -10.07
N PHE C 249 3.11 -3.13 -9.39
CA PHE C 249 3.39 -4.44 -9.98
C PHE C 249 2.22 -5.34 -9.64
N ARG C 250 2.04 -6.40 -10.43
CA ARG C 250 0.77 -7.11 -10.41
C ARG C 250 0.91 -8.51 -11.01
N LEU C 251 -0.14 -9.29 -10.80
CA LEU C 251 -0.29 -10.63 -11.34
C LEU C 251 -1.29 -10.61 -12.49
N SER C 252 -1.14 -11.59 -13.39
CA SER C 252 -2.02 -11.76 -14.54
C SER C 252 -2.75 -13.08 -14.40
N CYS C 253 -4.09 -13.03 -14.41
CA CYS C 253 -4.84 -14.29 -14.31
C CYS C 253 -4.70 -15.14 -15.57
N THR C 254 -4.36 -14.53 -16.73
CA THR C 254 -4.11 -15.30 -17.96
C THR C 254 -2.71 -15.88 -18.05
N ARG C 255 -1.76 -15.40 -17.23
CA ARG C 255 -0.38 -15.89 -17.26
CA ARG C 255 -0.38 -15.89 -17.24
C ARG C 255 0.06 -16.08 -15.80
N LEU C 256 -0.42 -17.16 -15.18
CA LEU C 256 -0.10 -17.43 -13.79
C LEU C 256 1.40 -17.69 -13.63
N GLY C 257 1.95 -17.25 -12.50
CA GLY C 257 3.37 -17.41 -12.25
C GLY C 257 4.24 -16.33 -12.82
N GLN C 258 3.63 -15.31 -13.44
CA GLN C 258 4.32 -14.23 -14.10
C GLN C 258 4.02 -12.93 -13.35
N TRP C 259 5.05 -12.18 -12.99
CA TRP C 259 4.92 -10.80 -12.54
C TRP C 259 4.93 -9.85 -13.71
N ALA C 260 4.18 -8.75 -13.58
CA ALA C 260 4.21 -7.63 -14.52
C ALA C 260 4.23 -6.31 -13.74
N ILE C 261 4.84 -5.30 -14.34
CA ILE C 261 5.13 -4.00 -13.73
C ILE C 261 4.53 -2.92 -14.62
N GLY C 262 4.01 -1.86 -14.03
CA GLY C 262 3.62 -0.67 -14.76
C GLY C 262 4.27 0.54 -14.12
N TYR C 263 4.73 1.48 -14.96
CA TYR C 263 5.39 2.66 -14.44
C TYR C 263 5.14 3.86 -15.33
N VAL C 264 5.28 5.04 -14.73
CA VAL C 264 5.08 6.33 -15.38
C VAL C 264 6.45 6.84 -15.82
N THR C 265 6.58 7.17 -17.10
CA THR C 265 7.83 7.69 -17.65
C THR C 265 7.93 9.20 -17.42
N ALA C 266 9.11 9.72 -17.69
CA ALA C 266 9.33 11.16 -17.53
C ALA C 266 8.50 11.98 -18.51
N ASP C 267 8.01 11.40 -19.60
CA ASP C 267 7.25 12.15 -20.60
C ASP C 267 5.76 11.83 -20.56
N GLY C 268 5.25 11.37 -19.43
CA GLY C 268 3.81 11.25 -19.26
C GLY C 268 3.18 10.04 -19.92
N ASN C 269 3.93 8.95 -20.09
CA ASN C 269 3.42 7.72 -20.66
C ASN C 269 3.44 6.65 -19.58
N ILE C 270 2.57 5.67 -19.73
CA ILE C 270 2.53 4.52 -18.83
C ILE C 270 2.97 3.30 -19.65
N LEU C 271 4.05 2.65 -19.21
CA LEU C 271 4.60 1.46 -19.87
C LEU C 271 4.50 0.26 -18.94
N GLN C 272 4.39 -0.93 -19.54
CA GLN C 272 4.31 -2.16 -18.77
C GLN C 272 5.37 -3.15 -19.24
N THR C 273 5.96 -3.87 -18.28
CA THR C 273 7.14 -4.68 -18.55
C THR C 273 7.14 -5.86 -17.57
N ILE C 274 8.10 -6.76 -17.74
CA ILE C 274 8.29 -7.85 -16.78
C ILE C 274 9.74 -7.84 -16.31
N PRO C 275 10.01 -8.42 -15.14
CA PRO C 275 11.42 -8.64 -14.75
C PRO C 275 12.15 -9.46 -15.80
N HIS C 276 13.37 -9.05 -16.11
CA HIS C 276 14.18 -9.69 -17.14
C HIS C 276 15.13 -10.69 -16.48
N ASN C 277 14.75 -11.97 -16.53
CA ASN C 277 15.58 -13.09 -16.06
C ASN C 277 16.12 -12.85 -14.65
N LYS C 278 15.24 -12.42 -13.74
CA LYS C 278 15.67 -12.10 -12.40
C LYS C 278 14.44 -12.01 -11.49
N PRO C 279 14.58 -12.29 -10.21
CA PRO C 279 13.44 -12.16 -9.30
C PRO C 279 12.86 -10.76 -9.34
N LEU C 280 11.56 -10.67 -9.06
CA LEU C 280 10.89 -9.38 -9.04
C LEU C 280 11.58 -8.39 -8.09
N PHE C 281 11.99 -8.85 -6.91
CA PHE C 281 12.57 -7.89 -5.97
C PHE C 281 13.89 -7.31 -6.50
N GLN C 282 14.63 -8.06 -7.31
CA GLN C 282 15.86 -7.49 -7.86
C GLN C 282 15.53 -6.44 -8.91
N ALA C 283 14.47 -6.65 -9.68
CA ALA C 283 14.02 -5.64 -10.63
C ALA C 283 13.56 -4.37 -9.92
N LEU C 284 12.91 -4.55 -8.76
CA LEU C 284 12.47 -3.39 -8.01
C LEU C 284 13.67 -2.63 -7.45
N ILE C 285 14.67 -3.34 -6.91
CA ILE C 285 15.88 -2.68 -6.41
C ILE C 285 16.56 -1.92 -7.54
N ASP C 286 16.73 -2.59 -8.69
CA ASP C 286 17.40 -1.97 -9.82
C ASP C 286 16.59 -0.78 -10.33
N GLY C 287 15.28 -0.94 -10.47
CA GLY C 287 14.46 0.14 -10.97
C GLY C 287 14.48 1.37 -10.07
N PHE C 288 14.56 1.16 -8.74
CA PHE C 288 14.68 2.31 -7.85
C PHE C 288 16.01 3.01 -8.06
N ARG C 289 17.08 2.23 -8.19
CA ARG C 289 18.40 2.84 -8.28
C ARG C 289 18.55 3.60 -9.58
N GLU C 290 17.89 3.14 -10.64
CA GLU C 290 17.98 3.75 -11.95
C GLU C 290 16.94 4.85 -12.16
N GLY C 291 16.05 5.07 -11.21
CA GLY C 291 15.12 6.17 -11.31
C GLY C 291 13.81 5.86 -12.00
N PHE C 292 13.53 4.60 -12.30
CA PHE C 292 12.28 4.23 -12.94
C PHE C 292 11.19 3.86 -11.94
N TYR C 293 11.53 3.17 -10.85
CA TYR C 293 10.53 2.62 -9.93
C TYR C 293 10.76 3.28 -8.58
N LEU C 294 10.24 4.49 -8.44
CA LEU C 294 10.48 5.36 -7.29
C LEU C 294 9.31 5.44 -6.32
N PHE C 295 8.08 5.50 -6.81
CA PHE C 295 6.94 5.84 -5.96
C PHE C 295 5.88 4.78 -6.08
N PRO C 296 5.86 3.79 -5.17
CA PRO C 296 4.92 2.66 -5.32
C PRO C 296 3.49 3.15 -5.15
N ASP C 297 2.66 2.95 -6.20
CA ASP C 297 1.29 3.47 -6.18
C ASP C 297 1.26 4.97 -5.92
N GLY C 298 2.31 5.67 -6.36
CA GLY C 298 2.44 7.10 -6.18
C GLY C 298 2.96 7.55 -4.82
N ARG C 299 3.25 6.63 -3.91
CA ARG C 299 3.65 7.01 -2.56
C ARG C 299 5.10 7.49 -2.52
N ASN C 300 5.37 8.48 -1.66
CA ASN C 300 6.71 9.07 -1.57
C ASN C 300 7.72 8.09 -1.00
N GLN C 301 7.29 7.16 -0.15
CA GLN C 301 8.20 6.19 0.46
C GLN C 301 8.18 4.88 -0.31
N ASN C 302 9.37 4.32 -0.56
CA ASN C 302 9.50 3.10 -1.35
C ASN C 302 10.18 2.01 -0.52
N PRO C 303 9.53 0.85 -0.29
CA PRO C 303 10.21 -0.25 0.40
C PRO C 303 11.55 -0.55 -0.24
N ASP C 304 12.55 -0.78 0.60
CA ASP C 304 13.89 -1.12 0.15
C ASP C 304 14.07 -2.62 0.32
N LEU C 305 14.19 -3.34 -0.79
CA LEU C 305 14.21 -4.79 -0.75
C LEU C 305 15.63 -5.34 -0.77
N THR C 306 16.62 -4.49 -0.51
CA THR C 306 18.02 -4.88 -0.61
C THR C 306 18.35 -6.05 0.31
N GLY C 307 17.77 -6.07 1.51
CA GLY C 307 18.04 -7.13 2.47
C GLY C 307 17.75 -8.52 1.96
N LEU C 308 16.97 -8.67 0.89
CA LEU C 308 16.67 -9.99 0.31
C LEU C 308 17.80 -10.54 -0.55
N CYS C 309 18.85 -9.77 -0.80
CA CYS C 309 19.95 -10.25 -1.63
C CYS C 309 20.99 -10.97 -0.81
N MET D 6 25.80 33.29 -10.96
CA MET D 6 26.25 32.78 -12.26
C MET D 6 25.10 32.08 -12.99
N GLN D 7 25.19 32.03 -14.32
CA GLN D 7 24.16 31.42 -15.15
C GLN D 7 24.81 30.45 -16.13
N ILE D 8 23.96 29.61 -16.73
CA ILE D 8 24.40 28.61 -17.72
C ILE D 8 23.18 28.05 -18.45
N PHE D 9 23.41 27.26 -19.49
CA PHE D 9 22.34 26.76 -20.35
C PHE D 9 22.43 25.25 -20.50
N VAL D 10 21.26 24.61 -20.59
CA VAL D 10 21.14 23.17 -20.80
C VAL D 10 20.12 22.93 -21.91
N LYS D 11 20.39 21.98 -22.79
CA LYS D 11 19.52 21.74 -23.93
C LYS D 11 18.93 20.33 -23.94
N THR D 14 15.06 17.87 -25.68
CA THR D 14 14.01 18.45 -26.52
C THR D 14 14.61 19.39 -27.56
N GLY D 15 15.69 20.07 -27.20
CA GLY D 15 16.29 21.10 -28.02
C GLY D 15 15.97 22.51 -27.60
N LYS D 16 15.08 22.69 -26.62
CA LYS D 16 14.73 24.01 -26.10
C LYS D 16 15.66 24.31 -24.93
N THR D 17 16.71 25.08 -25.20
CA THR D 17 17.73 25.37 -24.20
C THR D 17 17.11 26.13 -23.03
N ILE D 18 17.38 25.67 -21.81
CA ILE D 18 16.84 26.25 -20.59
C ILE D 18 17.96 26.96 -19.84
N THR D 19 17.57 27.85 -18.94
CA THR D 19 18.50 28.67 -18.17
C THR D 19 18.24 28.47 -16.68
N LEU D 20 19.31 28.19 -15.95
CA LEU D 20 19.26 28.01 -14.50
C LEU D 20 20.24 28.95 -13.82
N GLU D 21 19.94 29.31 -12.57
CA GLU D 21 20.81 30.15 -11.77
C GLU D 21 21.53 29.30 -10.74
N VAL D 22 22.86 29.27 -10.81
CA VAL D 22 23.66 28.49 -9.87
C VAL D 22 24.98 29.21 -9.65
N GLU D 23 25.65 28.84 -8.56
CA GLU D 23 27.00 29.28 -8.23
C GLU D 23 27.99 28.15 -8.51
N PRO D 24 29.27 28.49 -8.75
CA PRO D 24 30.25 27.43 -9.03
C PRO D 24 30.46 26.45 -7.90
N SER D 25 29.89 26.71 -6.72
CA SER D 25 30.06 25.86 -5.55
C SER D 25 28.98 24.79 -5.43
N ASP D 26 27.85 24.94 -6.10
CA ASP D 26 26.79 23.94 -6.03
C ASP D 26 27.22 22.64 -6.71
N THR D 27 26.73 21.52 -6.19
CA THR D 27 27.14 20.20 -6.63
C THR D 27 26.33 19.74 -7.84
N ILE D 28 26.78 18.64 -8.45
CA ILE D 28 26.12 18.13 -9.65
C ILE D 28 24.72 17.61 -9.34
N GLU D 29 24.52 17.09 -8.12
CA GLU D 29 23.18 16.64 -7.73
C GLU D 29 22.20 17.80 -7.71
N ASN D 30 22.66 19.00 -7.34
CA ASN D 30 21.77 20.16 -7.29
C ASN D 30 21.42 20.66 -8.68
N VAL D 31 22.33 20.51 -9.65
CA VAL D 31 22.04 20.91 -11.01
C VAL D 31 20.89 20.07 -11.58
N LYS D 32 20.96 18.75 -11.37
CA LYS D 32 19.89 17.87 -11.83
C LYS D 32 18.58 18.14 -11.09
N ALA D 33 18.66 18.68 -9.87
CA ALA D 33 17.45 19.11 -9.16
C ALA D 33 16.81 20.31 -9.86
N LYS D 34 17.62 21.32 -10.19
CA LYS D 34 17.11 22.50 -10.86
C LYS D 34 16.51 22.15 -12.23
N ILE D 35 17.06 21.13 -12.91
CA ILE D 35 16.44 20.65 -14.13
C ILE D 35 15.05 20.11 -13.84
N GLN D 36 14.89 19.40 -12.72
CA GLN D 36 13.61 18.79 -12.40
C GLN D 36 12.52 19.83 -12.18
N ASP D 37 12.88 20.99 -11.62
CA ASP D 37 11.90 22.06 -11.43
C ASP D 37 11.37 22.60 -12.74
N LYS D 38 12.06 22.35 -13.86
CA LYS D 38 11.68 22.91 -15.15
C LYS D 38 11.27 21.86 -16.17
N GLU D 39 11.86 20.66 -16.13
CA GLU D 39 11.50 19.59 -17.05
C GLU D 39 10.75 18.45 -16.40
N GLY D 40 10.76 18.36 -15.07
CA GLY D 40 10.05 17.32 -14.35
C GLY D 40 10.75 15.98 -14.27
N ILE D 41 11.81 15.78 -15.04
CA ILE D 41 12.49 14.48 -15.10
C ILE D 41 13.11 14.17 -13.74
N PRO D 42 12.98 12.94 -13.23
CA PRO D 42 13.64 12.60 -11.98
C PRO D 42 15.14 12.67 -12.15
N PRO D 43 15.88 13.07 -11.11
CA PRO D 43 17.33 13.24 -11.26
C PRO D 43 18.08 11.95 -11.61
N ASP D 44 17.64 10.79 -11.11
CA ASP D 44 18.38 9.55 -11.36
C ASP D 44 18.33 9.12 -12.82
N GLN D 45 17.30 9.52 -13.57
CA GLN D 45 17.25 9.25 -15.00
C GLN D 45 18.06 10.25 -15.81
N GLN D 46 18.44 11.38 -15.21
CA GLN D 46 19.14 12.45 -15.92
C GLN D 46 20.62 12.12 -16.05
N ARG D 47 21.13 12.22 -17.29
CA ARG D 47 22.55 12.12 -17.57
C ARG D 47 22.99 13.39 -18.28
N LEU D 48 24.05 14.02 -17.76
CA LEU D 48 24.48 15.34 -18.21
C LEU D 48 25.90 15.27 -18.73
N ILE D 49 26.09 15.66 -19.99
CA ILE D 49 27.39 15.63 -20.64
C ILE D 49 27.94 17.05 -20.71
N PHE D 50 29.25 17.18 -20.48
CA PHE D 50 29.93 18.47 -20.59
C PHE D 50 31.25 18.22 -21.30
N ALA D 51 31.28 18.50 -22.61
CA ALA D 51 32.49 18.43 -23.42
C ALA D 51 33.08 17.01 -23.44
N GLY D 52 32.26 16.07 -23.91
CA GLY D 52 32.73 14.75 -24.25
C GLY D 52 32.69 13.72 -23.13
N LYS D 53 32.25 14.09 -21.94
CA LYS D 53 32.19 13.14 -20.83
C LYS D 53 30.87 13.34 -20.09
N GLN D 54 30.48 12.31 -19.32
CA GLN D 54 29.28 12.36 -18.49
C GLN D 54 29.70 12.70 -17.06
N LEU D 55 29.27 13.87 -16.59
CA LEU D 55 29.67 14.34 -15.28
C LEU D 55 29.13 13.41 -14.18
N GLU D 56 29.79 13.47 -13.02
CA GLU D 56 29.43 12.64 -11.89
C GLU D 56 28.61 13.43 -10.88
N ASP D 57 27.55 12.81 -10.35
CA ASP D 57 26.65 13.43 -9.40
C ASP D 57 27.36 13.95 -8.15
N GLY D 58 28.61 13.56 -7.93
CA GLY D 58 29.36 14.06 -6.79
C GLY D 58 30.09 15.36 -7.08
N ARG D 59 30.98 15.33 -8.07
CA ARG D 59 31.87 16.47 -8.33
C ARG D 59 31.06 17.74 -8.61
N THR D 60 31.49 18.84 -8.01
CA THR D 60 30.75 20.09 -8.06
C THR D 60 30.92 20.77 -9.43
N LEU D 61 30.25 21.90 -9.58
CA LEU D 61 30.38 22.68 -10.81
C LEU D 61 31.80 23.23 -10.95
N SER D 62 32.35 23.80 -9.87
CA SER D 62 33.75 24.20 -9.89
C SER D 62 34.68 22.99 -10.02
N ASP D 63 34.23 21.80 -9.61
CA ASP D 63 35.01 20.59 -9.76
C ASP D 63 34.99 20.04 -11.19
N TYR D 64 34.28 20.69 -12.11
CA TYR D 64 34.27 20.30 -13.51
C TYR D 64 34.68 21.43 -14.44
N ASN D 65 35.21 22.53 -13.91
CA ASN D 65 35.60 23.70 -14.70
C ASN D 65 34.44 24.26 -15.52
N ILE D 66 33.22 24.13 -15.00
CA ILE D 66 32.06 24.71 -15.66
C ILE D 66 32.10 26.23 -15.48
N GLN D 67 32.04 26.96 -16.59
CA GLN D 67 32.10 28.41 -16.59
C GLN D 67 30.75 28.99 -17.02
N LYS D 68 30.60 30.28 -16.78
CA LYS D 68 29.35 30.96 -17.15
C LYS D 68 29.15 30.91 -18.66
N GLU D 69 27.87 30.81 -19.06
CA GLU D 69 27.41 30.71 -20.45
C GLU D 69 27.74 29.38 -21.09
N SER D 70 28.24 28.41 -20.34
CA SER D 70 28.53 27.10 -20.90
C SER D 70 27.23 26.33 -21.14
N THR D 71 27.37 25.18 -21.79
CA THR D 71 26.23 24.34 -22.11
C THR D 71 26.53 22.89 -21.74
N LEU D 72 25.51 22.21 -21.21
CA LEU D 72 25.57 20.78 -20.92
C LEU D 72 24.42 20.11 -21.64
N HIS D 73 24.70 19.00 -22.30
CA HIS D 73 23.67 18.23 -22.98
C HIS D 73 23.02 17.26 -22.02
N LEU D 74 21.69 17.18 -22.07
CA LEU D 74 20.93 16.29 -21.20
C LEU D 74 20.49 15.08 -22.01
N VAL D 75 20.84 13.89 -21.52
CA VAL D 75 20.47 12.63 -22.16
C VAL D 75 19.76 11.78 -21.12
N LEU D 76 18.54 11.37 -21.42
CA LEU D 76 17.79 10.53 -20.50
C LEU D 76 18.39 9.13 -20.44
N ARG D 77 18.67 8.66 -19.22
CA ARG D 77 19.07 7.27 -19.04
C ARG D 77 17.94 6.35 -19.49
N LEU D 78 18.32 5.22 -20.07
CA LEU D 78 17.34 4.30 -20.61
C LEU D 78 17.40 2.96 -19.87
N ARG D 79 16.25 2.28 -19.84
CA ARG D 79 16.22 0.93 -19.30
C ARG D 79 17.16 0.03 -20.12
N ALA D 80 17.75 -0.95 -19.44
CA ALA D 80 18.75 -1.82 -20.06
C ALA D 80 18.22 -2.40 -21.37
N ALA D 81 19.05 -2.32 -22.41
CA ALA D 81 18.70 -2.82 -23.73
C ALA D 81 19.61 -3.99 -24.08
N PRO D 82 19.62 -5.03 -23.25
CA PRO D 82 20.45 -6.21 -23.56
C PRO D 82 20.14 -6.75 -24.94
N GLY D 83 21.15 -7.38 -25.55
CA GLY D 83 21.01 -7.94 -26.88
C GLY D 83 19.83 -8.88 -27.01
N GLY D 84 18.97 -8.65 -28.01
CA GLY D 84 17.80 -9.49 -28.21
C GLY D 84 16.60 -9.15 -27.35
N SER D 85 16.70 -8.15 -26.49
CA SER D 85 15.54 -7.75 -25.70
C SER D 85 14.47 -7.16 -26.61
N MET D 86 13.24 -7.15 -26.11
CA MET D 86 12.21 -6.35 -26.73
C MET D 86 12.46 -4.88 -26.46
N THR D 87 12.06 -4.04 -27.42
CA THR D 87 11.99 -2.63 -27.12
C THR D 87 10.86 -2.38 -26.12
N VAL D 88 10.84 -1.20 -25.51
CA VAL D 88 9.84 -0.97 -24.48
C VAL D 88 8.44 -1.00 -25.09
N GLU D 89 8.27 -0.49 -26.31
CA GLU D 89 6.96 -0.53 -26.94
C GLU D 89 6.55 -1.96 -27.31
N GLU D 90 7.50 -2.78 -27.79
CA GLU D 90 7.19 -4.18 -28.08
C GLU D 90 6.79 -4.94 -26.82
N MET D 91 7.55 -4.75 -25.75
CA MET D 91 7.21 -5.35 -24.46
C MET D 91 5.81 -4.94 -24.02
N ASP D 92 5.50 -3.65 -24.10
CA ASP D 92 4.19 -3.19 -23.67
C ASP D 92 3.09 -3.79 -24.54
N SER D 93 3.32 -3.89 -25.86
CA SER D 93 2.28 -4.44 -26.72
C SER D 93 2.07 -5.93 -26.44
N TRP D 94 3.15 -6.65 -26.14
CA TRP D 94 3.00 -8.06 -25.81
C TRP D 94 2.15 -8.26 -24.58
N ILE D 95 2.42 -7.51 -23.52
CA ILE D 95 1.69 -7.68 -22.27
C ILE D 95 0.22 -7.34 -22.48
N LYS D 96 -0.06 -6.31 -23.28
CA LYS D 96 -1.45 -5.97 -23.58
C LYS D 96 -2.16 -7.13 -24.27
N SER D 97 -1.47 -7.85 -25.16
CA SER D 97 -2.12 -8.95 -25.85
C SER D 97 -2.35 -10.15 -24.95
N TRP D 98 -1.80 -10.17 -23.73
CA TRP D 98 -2.17 -11.25 -22.81
C TRP D 98 -3.66 -11.26 -22.49
N ASP D 99 -4.33 -10.12 -22.61
CA ASP D 99 -5.72 -10.01 -22.19
C ASP D 99 -6.73 -10.19 -23.32
N GLN D 100 -6.27 -10.48 -24.54
CA GLN D 100 -7.18 -10.69 -25.66
C GLN D 100 -8.11 -11.86 -25.41
N MET D 101 -9.33 -11.77 -25.93
CA MET D 101 -10.30 -12.84 -25.75
C MET D 101 -11.05 -13.11 -27.04
N HIS D 102 -11.45 -14.37 -27.20
CA HIS D 102 -12.43 -14.80 -28.19
C HIS D 102 -13.56 -15.48 -27.43
N HIS D 103 -14.70 -14.78 -27.33
CA HIS D 103 -15.76 -15.15 -26.40
C HIS D 103 -16.58 -16.36 -26.86
N HIS D 104 -17.77 -16.52 -26.27
CA HIS D 104 -18.64 -17.67 -26.51
C HIS D 104 -17.92 -18.98 -26.19
#